data_6LKD
#
_entry.id   6LKD
#
_cell.length_a   160.970
_cell.length_b   63.430
_cell.length_c   152.420
_cell.angle_alpha   90.000
_cell.angle_beta   113.520
_cell.angle_gamma   90.000
#
_symmetry.space_group_name_H-M   'C 1 2 1'
#
loop_
_entity.id
_entity.type
_entity.pdbx_description
1 polymer 'Kynurenine 3-monooxygenase'
2 non-polymer 'FLAVIN-ADENINE DINUCLEOTIDE'
3 non-polymer '5-[5-(4-chloranyl-3-fluoranyl-phenyl)-4-methyl-pyrazol-1-yl]-2-phenylmethoxy-benzoic acid'
4 non-polymer 'SULFATE ION'
5 non-polymer 'CHLORIDE ION'
6 water water
#
_entity_poly.entity_id   1
_entity_poly.type   'polypeptide(L)'
_entity_poly.pdbx_seq_one_letter_code
;GSMASSDTEGKRVVVIGGGLVGALNACFLAKRNFQVDVYEAREDIRVANFMRGRSINLALSYRGRQALKAVGLEDQIVSK
GVPMKARMIHSLSGKKSAIPYGNKSQYILSISREKLNKDLLTAVESYPNAKVHFGHKLSKCCPEEGILTMLGPNKVPRDI
TCDLIVGCDGAYSTVRAHLMKKPRFDYSQQYIPHGYMELTIPPKNGEYAMEPNCLHIWPRNAFMMIALPNMDKSFTCTLF
MSFEEFEKLPTHSDVLDFFQKNFPDAIPLMGEQALMRDFFLLPAQPMISVKCSPFHLKSRCVLMGDAAHAIVPFFGQGMN
AGFEDCLVFDELMDKFNNDLSVCLPEFSRFRIPDDHAISDLSMYNYIEMRAHVNSRWFLFQRLLDKFLHALMPSTFIPLY
TMVAFTRIRYHEAVLRWHWQKKVINRGLFVLGSLVAIGSAYILVHHLSPRPLELLRSAWTGTSGHWNRSADISPRVPWSH
ENLYFQGDYKDDDDK
;
_entity_poly.pdbx_strand_id   A,B
#
loop_
_chem_comp.id
_chem_comp.type
_chem_comp.name
_chem_comp.formula
CL non-polymer 'CHLORIDE ION' 'Cl -1'
EGO non-polymer '5-[5-(4-chloranyl-3-fluoranyl-phenyl)-4-methyl-pyrazol-1-yl]-2-phenylmethoxy-benzoic acid' 'C24 H18 Cl F N2 O3'
FAD non-polymer 'FLAVIN-ADENINE DINUCLEOTIDE' 'C27 H33 N9 O15 P2'
SO4 non-polymer 'SULFATE ION' 'O4 S -2'
#
# COMPACT_ATOMS: atom_id res chain seq x y z
N THR A 8 -11.94 -34.01 6.81
CA THR A 8 -12.35 -35.37 6.32
C THR A 8 -12.18 -35.48 4.77
N GLU A 9 -12.67 -36.59 4.20
CA GLU A 9 -12.66 -36.77 2.73
C GLU A 9 -13.74 -35.96 2.02
N GLY A 10 -15.01 -36.22 2.31
CA GLY A 10 -16.14 -35.68 1.53
C GLY A 10 -16.62 -34.24 1.82
N LYS A 11 -15.72 -33.35 2.23
CA LYS A 11 -15.93 -31.92 2.05
C LYS A 11 -15.50 -31.56 0.61
N ARG A 12 -16.07 -30.47 0.09
CA ARG A 12 -15.86 -30.06 -1.29
C ARG A 12 -15.19 -28.71 -1.32
N VAL A 13 -14.14 -28.58 -2.13
CA VAL A 13 -13.38 -27.31 -2.23
C VAL A 13 -13.32 -26.85 -3.68
N VAL A 14 -13.63 -25.57 -3.91
CA VAL A 14 -13.38 -25.02 -5.26
C VAL A 14 -12.10 -24.18 -5.30
N VAL A 15 -11.27 -24.52 -6.29
CA VAL A 15 -10.06 -23.75 -6.58
C VAL A 15 -10.35 -22.77 -7.73
N ILE A 16 -10.27 -21.47 -7.43
CA ILE A 16 -10.42 -20.50 -8.52
C ILE A 16 -9.03 -20.40 -9.13
N GLY A 17 -8.90 -20.69 -10.43
CA GLY A 17 -7.63 -20.58 -11.13
C GLY A 17 -6.96 -21.94 -11.31
N GLY A 18 -6.70 -22.25 -12.59
CA GLY A 18 -6.00 -23.47 -13.00
C GLY A 18 -4.60 -23.12 -13.48
N GLY A 19 -4.00 -22.16 -12.78
CA GLY A 19 -2.63 -21.77 -13.01
C GLY A 19 -1.67 -22.73 -12.35
N LEU A 20 -0.43 -22.28 -12.31
CA LEU A 20 0.64 -22.99 -11.60
C LEU A 20 0.26 -23.39 -10.15
N VAL A 21 -0.15 -22.39 -9.37
CA VAL A 21 -0.43 -22.56 -7.94
C VAL A 21 -1.76 -23.27 -7.78
N GLY A 22 -2.80 -22.73 -8.42
CA GLY A 22 -4.11 -23.40 -8.50
C GLY A 22 -4.04 -24.89 -8.78
N ALA A 23 -3.38 -25.27 -9.88
CA ALA A 23 -3.15 -26.70 -10.17
C ALA A 23 -2.45 -27.49 -9.05
N LEU A 24 -1.30 -26.98 -8.62
CA LEU A 24 -0.56 -27.63 -7.55
C LEU A 24 -1.49 -27.85 -6.35
N ASN A 25 -2.13 -26.78 -5.87
CA ASN A 25 -3.01 -26.87 -4.68
C ASN A 25 -4.07 -27.97 -4.83
N ALA A 26 -4.71 -27.98 -5.99
CA ALA A 26 -5.70 -28.99 -6.32
C ALA A 26 -5.12 -30.40 -6.22
N CYS A 27 -3.85 -30.60 -6.63
CA CYS A 27 -3.18 -31.89 -6.39
C CYS A 27 -3.10 -32.23 -4.89
N PHE A 28 -2.46 -31.37 -4.10
CA PHE A 28 -2.38 -31.51 -2.63
C PHE A 28 -3.72 -31.82 -1.96
N LEU A 29 -4.76 -31.12 -2.40
CA LEU A 29 -6.10 -31.29 -1.82
C LEU A 29 -6.74 -32.59 -2.28
N ALA A 30 -6.78 -32.83 -3.59
CA ALA A 30 -7.16 -34.16 -4.14
C ALA A 30 -6.48 -35.32 -3.39
N LYS A 31 -5.19 -35.16 -3.12
CA LYS A 31 -4.39 -36.13 -2.36
C LYS A 31 -4.81 -36.30 -0.86
N ARG A 32 -5.58 -35.38 -0.29
CA ARG A 32 -6.25 -35.59 1.02
C ARG A 32 -7.66 -36.21 0.90
N ASN A 33 -8.04 -36.66 -0.30
CA ASN A 33 -9.38 -37.18 -0.60
C ASN A 33 -10.47 -36.11 -0.53
N PHE A 34 -10.13 -34.83 -0.67
CA PHE A 34 -11.14 -33.80 -0.90
C PHE A 34 -11.75 -33.94 -2.30
N GLN A 35 -12.95 -33.40 -2.45
CA GLN A 35 -13.58 -33.30 -3.75
C GLN A 35 -13.20 -31.92 -4.20
N VAL A 36 -12.38 -31.85 -5.23
CA VAL A 36 -11.82 -30.57 -5.60
C VAL A 36 -12.22 -30.29 -7.02
N ASP A 37 -12.99 -29.21 -7.19
CA ASP A 37 -13.36 -28.66 -8.48
C ASP A 37 -12.51 -27.40 -8.77
N VAL A 38 -11.81 -27.41 -9.91
CA VAL A 38 -10.90 -26.30 -10.28
C VAL A 38 -11.56 -25.52 -11.40
N TYR A 39 -11.80 -24.22 -11.21
CA TYR A 39 -12.38 -23.41 -12.29
C TYR A 39 -11.37 -22.47 -12.94
N GLU A 40 -11.20 -22.62 -14.25
CA GLU A 40 -10.13 -21.93 -15.00
C GLU A 40 -10.67 -21.10 -16.17
N ALA A 41 -10.46 -19.79 -16.10
CA ALA A 41 -10.96 -18.82 -17.08
C ALA A 41 -10.62 -19.20 -18.52
N ARG A 42 -9.35 -19.49 -18.76
CA ARG A 42 -8.88 -19.79 -20.11
C ARG A 42 -9.30 -21.16 -20.53
N GLU A 43 -9.28 -21.39 -21.84
CA GLU A 43 -9.46 -22.73 -22.38
C GLU A 43 -8.24 -23.57 -22.06
N ASP A 44 -8.43 -24.89 -22.02
CA ASP A 44 -7.34 -25.81 -21.74
C ASP A 44 -6.12 -25.59 -22.64
N ILE A 45 -5.00 -25.26 -21.98
CA ILE A 45 -3.75 -24.93 -22.66
C ILE A 45 -3.00 -26.14 -23.20
N ARG A 46 -3.43 -27.36 -22.89
CA ARG A 46 -2.84 -28.57 -23.47
C ARG A 46 -3.45 -28.90 -24.83
N VAL A 47 -4.68 -28.47 -25.07
CA VAL A 47 -5.30 -28.56 -26.40
C VAL A 47 -5.07 -27.23 -27.15
N ALA A 48 -5.54 -26.11 -26.58
CA ALA A 48 -5.57 -24.83 -27.33
C ALA A 48 -4.17 -24.18 -27.39
N ARG A 54 3.07 -14.86 -19.64
CA ARG A 54 3.48 -13.79 -18.72
C ARG A 54 5.03 -13.79 -18.53
N SER A 55 5.55 -14.87 -17.93
CA SER A 55 6.94 -15.32 -18.17
C SER A 55 6.81 -16.51 -19.10
N ILE A 56 7.73 -16.68 -20.03
CA ILE A 56 7.74 -17.87 -20.91
C ILE A 56 8.36 -19.03 -20.11
N ASN A 57 9.48 -18.73 -19.44
CA ASN A 57 10.19 -19.78 -18.72
C ASN A 57 10.89 -19.28 -17.42
N LEU A 58 10.73 -20.04 -16.33
CA LEU A 58 11.05 -19.61 -14.96
C LEU A 58 11.99 -20.52 -14.20
N ALA A 59 12.51 -19.95 -13.13
CA ALA A 59 13.54 -20.53 -12.32
C ALA A 59 12.94 -21.24 -11.13
N LEU A 60 13.23 -22.55 -11.06
CA LEU A 60 12.68 -23.46 -10.06
C LEU A 60 13.78 -23.88 -9.12
N SER A 61 13.48 -23.73 -7.84
CA SER A 61 14.47 -23.78 -6.78
C SER A 61 14.00 -24.76 -5.71
N TYR A 62 14.72 -24.79 -4.60
CA TYR A 62 14.42 -25.69 -3.50
C TYR A 62 12.98 -25.65 -3.05
N ARG A 63 12.48 -24.46 -2.72
CA ARG A 63 11.15 -24.33 -2.12
C ARG A 63 10.05 -24.91 -3.03
N GLY A 64 10.06 -24.52 -4.30
CA GLY A 64 9.09 -25.00 -5.27
C GLY A 64 9.22 -26.51 -5.49
N ARG A 65 10.47 -26.98 -5.59
CA ARG A 65 10.73 -28.41 -5.79
C ARG A 65 10.30 -29.26 -4.63
N GLN A 66 10.45 -28.73 -3.43
CA GLN A 66 9.93 -29.39 -2.23
C GLN A 66 8.40 -29.48 -2.18
N ALA A 67 7.74 -28.46 -2.72
CA ALA A 67 6.29 -28.50 -2.87
C ALA A 67 5.91 -29.54 -3.91
N LEU A 68 6.57 -29.45 -5.07
CA LEU A 68 6.36 -30.43 -6.13
C LEU A 68 6.58 -31.86 -5.64
N LYS A 69 7.61 -32.07 -4.82
CA LYS A 69 7.90 -33.40 -4.27
C LYS A 69 6.84 -33.99 -3.37
N ALA A 70 6.15 -33.15 -2.62
CA ALA A 70 5.04 -33.60 -1.77
C ALA A 70 3.85 -34.17 -2.53
N VAL A 71 3.79 -33.92 -3.84
CA VAL A 71 2.74 -34.46 -4.70
C VAL A 71 3.33 -35.53 -5.66
N GLY A 72 4.60 -35.85 -5.46
CA GLY A 72 5.34 -36.77 -6.33
C GLY A 72 5.35 -36.32 -7.77
N LEU A 73 5.63 -35.04 -7.98
CA LEU A 73 5.73 -34.43 -9.32
C LEU A 73 7.06 -33.74 -9.58
N GLU A 74 7.94 -33.69 -8.58
CA GLU A 74 9.26 -33.08 -8.74
C GLU A 74 10.06 -33.71 -9.89
N ASP A 75 10.17 -35.03 -9.89
CA ASP A 75 11.00 -35.74 -10.87
C ASP A 75 10.58 -35.44 -12.31
N GLN A 76 9.28 -35.52 -12.56
CA GLN A 76 8.77 -35.15 -13.87
C GLN A 76 9.15 -33.72 -14.28
N ILE A 77 9.02 -32.76 -13.36
CA ILE A 77 9.25 -31.34 -13.71
C ILE A 77 10.74 -31.11 -13.90
N VAL A 78 11.54 -31.68 -13.02
CA VAL A 78 12.97 -31.54 -13.07
C VAL A 78 13.62 -32.09 -14.35
N SER A 79 13.00 -33.12 -14.90
CA SER A 79 13.49 -33.79 -16.08
C SER A 79 13.32 -32.95 -17.34
N LYS A 80 12.33 -32.06 -17.35
CA LYS A 80 12.09 -31.19 -18.51
C LYS A 80 12.78 -29.82 -18.39
N GLY A 81 13.50 -29.60 -17.28
CA GLY A 81 14.19 -28.33 -17.04
C GLY A 81 15.70 -28.37 -17.19
N VAL A 82 16.32 -27.26 -17.59
CA VAL A 82 17.79 -27.19 -17.74
C VAL A 82 18.42 -26.63 -16.48
N PRO A 83 19.41 -27.32 -15.89
CA PRO A 83 20.06 -26.77 -14.69
C PRO A 83 20.80 -25.48 -14.90
N MET A 84 20.85 -24.64 -13.87
CA MET A 84 21.68 -23.43 -13.87
C MET A 84 22.59 -23.53 -12.66
N LYS A 85 23.80 -24.00 -12.93
CA LYS A 85 24.81 -24.28 -11.91
C LYS A 85 25.56 -23.02 -11.50
N ALA A 86 25.42 -21.94 -12.26
CA ALA A 86 26.11 -20.69 -11.95
C ALA A 86 25.42 -19.45 -12.53
N ARG A 87 25.89 -18.29 -12.12
CA ARG A 87 25.57 -17.06 -12.80
C ARG A 87 26.68 -16.94 -13.82
N MET A 88 26.32 -16.35 -14.95
CA MET A 88 27.27 -15.89 -15.95
C MET A 88 26.94 -14.42 -16.16
N ILE A 89 27.93 -13.56 -15.97
CA ILE A 89 27.72 -12.12 -15.88
C ILE A 89 28.44 -11.43 -17.00
N HIS A 90 27.67 -10.75 -17.84
CA HIS A 90 28.16 -10.17 -19.06
C HIS A 90 28.46 -8.70 -18.83
N SER A 91 29.77 -8.40 -18.75
CA SER A 91 30.26 -7.04 -18.58
C SER A 91 30.12 -6.25 -19.88
N LEU A 92 30.10 -4.92 -19.76
CA LEU A 92 29.95 -4.02 -20.92
C LEU A 92 31.13 -4.14 -21.87
N SER A 93 32.32 -4.33 -21.29
CA SER A 93 33.55 -4.64 -22.03
C SER A 93 33.52 -5.93 -22.90
N GLY A 94 32.57 -6.83 -22.64
CA GLY A 94 32.50 -8.14 -23.29
C GLY A 94 32.91 -9.25 -22.34
N LYS A 95 33.45 -8.87 -21.17
CA LYS A 95 33.96 -9.85 -20.20
C LYS A 95 32.84 -10.69 -19.58
N LYS A 96 32.93 -11.99 -19.79
CA LYS A 96 31.99 -12.95 -19.24
C LYS A 96 32.60 -13.56 -17.99
N SER A 97 31.97 -13.30 -16.85
CA SER A 97 32.50 -13.68 -15.56
C SER A 97 31.50 -14.62 -14.85
N ALA A 98 31.95 -15.81 -14.41
CA ALA A 98 31.03 -16.90 -13.99
C ALA A 98 31.15 -17.29 -12.52
N ILE A 99 30.14 -17.00 -11.70
CA ILE A 99 30.19 -17.35 -10.26
C ILE A 99 29.18 -18.45 -9.98
N PRO A 100 29.63 -19.58 -9.35
CA PRO A 100 28.70 -20.70 -9.10
C PRO A 100 27.65 -20.43 -8.04
N TYR A 101 26.53 -21.13 -8.16
CA TYR A 101 25.45 -21.03 -7.19
C TYR A 101 25.80 -21.88 -5.99
N GLY A 102 26.23 -21.19 -4.94
CA GLY A 102 26.64 -21.81 -3.69
C GLY A 102 27.50 -23.04 -3.87
N ASN A 103 27.14 -24.09 -3.16
CA ASN A 103 27.88 -25.36 -3.13
C ASN A 103 27.65 -26.17 -4.46
N LYS A 104 28.37 -27.27 -4.64
CA LYS A 104 28.31 -28.08 -5.90
C LYS A 104 26.98 -28.80 -6.08
N SER A 105 26.35 -29.17 -4.96
CA SER A 105 25.01 -29.79 -4.93
C SER A 105 23.82 -28.87 -5.21
N GLN A 106 24.05 -27.56 -5.19
CA GLN A 106 22.96 -26.61 -5.26
C GLN A 106 23.02 -25.85 -6.56
N TYR A 107 21.91 -25.93 -7.28
CA TYR A 107 21.72 -25.20 -8.51
C TYR A 107 20.24 -24.91 -8.60
N ILE A 108 19.90 -23.80 -9.24
CA ILE A 108 18.52 -23.49 -9.59
C ILE A 108 18.33 -24.13 -10.93
N LEU A 109 17.10 -24.29 -11.42
CA LEU A 109 16.92 -24.80 -12.77
C LEU A 109 15.77 -24.19 -13.56
N SER A 110 16.01 -24.07 -14.86
CA SER A 110 15.15 -23.37 -15.79
C SER A 110 14.09 -24.29 -16.38
N ILE A 111 12.84 -23.94 -16.16
CA ILE A 111 11.72 -24.73 -16.69
C ILE A 111 10.78 -23.82 -17.46
N SER A 112 9.81 -24.38 -18.16
CA SER A 112 8.90 -23.59 -18.97
C SER A 112 7.58 -23.40 -18.23
N ARG A 113 7.08 -22.15 -18.20
CA ARG A 113 5.72 -21.85 -17.63
C ARG A 113 4.69 -22.92 -18.08
N GLU A 114 4.65 -23.22 -19.39
CA GLU A 114 3.55 -23.99 -19.98
C GLU A 114 3.76 -25.48 -19.73
N LYS A 115 4.95 -26.00 -19.99
CA LYS A 115 5.23 -27.39 -19.62
C LYS A 115 4.82 -27.65 -18.17
N LEU A 116 5.15 -26.69 -17.31
CA LEU A 116 4.80 -26.80 -15.91
C LEU A 116 3.30 -26.77 -15.72
N ASN A 117 2.63 -25.78 -16.32
CA ASN A 117 1.17 -25.67 -16.10
C ASN A 117 0.44 -26.93 -16.60
N LYS A 118 0.91 -27.43 -17.74
CA LYS A 118 0.31 -28.55 -18.49
C LYS A 118 0.37 -29.85 -17.74
N ASP A 119 1.58 -30.20 -17.32
CA ASP A 119 1.80 -31.39 -16.52
C ASP A 119 0.99 -31.34 -15.22
N LEU A 120 0.87 -30.14 -14.64
CA LEU A 120 0.11 -29.96 -13.40
C LEU A 120 -1.37 -30.16 -13.60
N LEU A 121 -1.94 -29.58 -14.65
CA LEU A 121 -3.35 -29.80 -14.94
C LEU A 121 -3.62 -31.27 -15.17
N THR A 122 -2.73 -31.93 -15.90
CA THR A 122 -2.83 -33.38 -16.05
C THR A 122 -2.76 -34.14 -14.71
N ALA A 123 -1.77 -33.81 -13.89
CA ALA A 123 -1.72 -34.33 -12.52
C ALA A 123 -3.04 -34.10 -11.73
N VAL A 124 -3.63 -32.90 -11.84
CA VAL A 124 -4.96 -32.64 -11.23
C VAL A 124 -6.00 -33.72 -11.59
N GLU A 125 -6.12 -33.98 -12.88
CA GLU A 125 -7.14 -34.88 -13.40
C GLU A 125 -6.84 -36.34 -13.04
N SER A 126 -5.57 -36.72 -13.10
CA SER A 126 -5.16 -38.04 -12.59
C SER A 126 -5.78 -38.46 -11.24
N TYR A 127 -6.18 -37.53 -10.37
CA TYR A 127 -6.96 -37.87 -9.16
C TYR A 127 -8.43 -37.93 -9.57
N PRO A 128 -9.06 -39.12 -9.44
CA PRO A 128 -10.43 -39.25 -9.94
C PRO A 128 -11.41 -38.33 -9.22
N ASN A 129 -11.07 -37.98 -7.98
CA ASN A 129 -11.88 -37.10 -7.15
C ASN A 129 -11.69 -35.61 -7.42
N ALA A 130 -11.15 -35.28 -8.59
CA ALA A 130 -10.85 -33.88 -8.97
C ALA A 130 -11.19 -33.61 -10.44
N LYS A 131 -11.89 -32.50 -10.67
CA LYS A 131 -12.20 -32.04 -12.00
C LYS A 131 -11.67 -30.66 -12.15
N VAL A 132 -11.40 -30.31 -13.40
CA VAL A 132 -10.96 -28.98 -13.74
C VAL A 132 -11.90 -28.48 -14.83
N HIS A 133 -12.47 -27.30 -14.62
CA HIS A 133 -13.58 -26.81 -15.42
C HIS A 133 -13.06 -25.64 -16.23
N PHE A 134 -12.52 -25.97 -17.40
CA PHE A 134 -11.91 -24.95 -18.28
C PHE A 134 -12.99 -24.04 -18.86
N GLY A 135 -12.61 -22.84 -19.25
CA GLY A 135 -13.57 -21.90 -19.79
C GLY A 135 -14.62 -21.47 -18.78
N HIS A 136 -14.31 -21.56 -17.49
CA HIS A 136 -15.19 -21.06 -16.43
C HIS A 136 -14.52 -19.85 -15.74
N LYS A 137 -15.20 -18.71 -15.71
CA LYS A 137 -14.68 -17.48 -15.07
C LYS A 137 -15.51 -17.18 -13.82
N LEU A 138 -15.23 -16.08 -13.11
CA LEU A 138 -15.88 -15.75 -11.82
C LEU A 138 -16.21 -14.26 -11.67
N SER A 139 -17.43 -13.94 -11.23
CA SER A 139 -17.83 -12.52 -11.06
C SER A 139 -18.12 -11.99 -9.62
N LYS A 140 -18.69 -12.86 -8.75
CA LYS A 140 -18.89 -12.59 -7.29
C LYS A 140 -18.92 -13.92 -6.50
N CYS A 141 -19.02 -13.84 -5.17
CA CYS A 141 -19.32 -15.01 -4.34
C CYS A 141 -19.59 -14.61 -2.88
N LEU A 148 -20.72 -17.12 -8.09
CA LEU A 148 -21.05 -16.72 -9.46
C LEU A 148 -19.96 -17.04 -10.51
N THR A 149 -19.65 -18.34 -10.70
CA THR A 149 -18.79 -18.85 -11.80
C THR A 149 -19.64 -18.93 -13.11
N MET A 150 -19.07 -18.48 -14.24
CA MET A 150 -19.67 -18.64 -15.58
C MET A 150 -19.30 -19.97 -16.17
N LEU A 151 -20.14 -20.47 -17.08
CA LEU A 151 -19.88 -21.72 -17.84
C LEU A 151 -19.21 -21.26 -19.15
N GLY A 152 -19.01 -22.18 -20.07
CA GLY A 152 -18.73 -21.87 -21.47
C GLY A 152 -19.45 -20.64 -22.02
N PRO A 153 -20.81 -20.63 -22.09
CA PRO A 153 -21.47 -19.41 -22.54
C PRO A 153 -21.57 -18.38 -21.42
N ASN A 154 -21.16 -17.13 -21.72
CA ASN A 154 -21.21 -16.04 -20.74
C ASN A 154 -22.67 -15.74 -20.42
N LYS A 155 -22.89 -15.05 -19.30
CA LYS A 155 -24.20 -14.98 -18.60
C LYS A 155 -24.95 -16.35 -18.50
N VAL A 156 -24.21 -17.42 -18.16
CA VAL A 156 -24.80 -18.71 -17.70
C VAL A 156 -24.49 -18.86 -16.20
N PRO A 157 -24.92 -17.89 -15.36
CA PRO A 157 -24.51 -17.91 -13.95
C PRO A 157 -25.03 -19.14 -13.22
N ARG A 158 -24.17 -20.15 -13.11
CA ARG A 158 -24.51 -21.38 -12.41
C ARG A 158 -23.41 -21.72 -11.38
N ASP A 159 -23.24 -20.82 -10.42
CA ASP A 159 -22.36 -21.07 -9.25
C ASP A 159 -22.85 -22.21 -8.39
N ILE A 160 -21.93 -22.75 -7.61
CA ILE A 160 -22.25 -23.83 -6.70
C ILE A 160 -21.25 -23.88 -5.53
N THR A 161 -21.80 -24.21 -4.37
CA THR A 161 -21.19 -23.97 -3.06
C THR A 161 -20.25 -25.08 -2.62
N CYS A 162 -19.52 -24.81 -1.54
CA CYS A 162 -18.37 -25.60 -1.12
C CYS A 162 -17.94 -25.23 0.29
N ASP A 163 -17.26 -26.15 0.97
CA ASP A 163 -16.74 -25.90 2.31
C ASP A 163 -15.49 -25.01 2.30
N LEU A 164 -14.78 -24.96 1.16
CA LEU A 164 -13.59 -24.10 0.97
C LEU A 164 -13.56 -23.52 -0.43
N ILE A 165 -13.28 -22.21 -0.50
CA ILE A 165 -13.00 -21.56 -1.77
C ILE A 165 -11.55 -21.08 -1.67
N VAL A 166 -10.70 -21.58 -2.58
CA VAL A 166 -9.25 -21.25 -2.60
C VAL A 166 -8.97 -20.34 -3.80
N GLY A 167 -8.59 -19.10 -3.51
CA GLY A 167 -8.32 -18.14 -4.57
C GLY A 167 -6.91 -18.35 -5.06
N CYS A 168 -6.74 -18.95 -6.24
CA CYS A 168 -5.45 -18.98 -6.94
C CYS A 168 -5.59 -18.32 -8.33
N ASP A 169 -6.26 -17.17 -8.36
CA ASP A 169 -6.62 -16.48 -9.63
C ASP A 169 -5.59 -15.45 -10.02
N GLY A 170 -4.44 -15.48 -9.35
CA GLY A 170 -3.30 -14.72 -9.78
C GLY A 170 -3.30 -13.26 -9.32
N ALA A 171 -2.35 -12.51 -9.84
CA ALA A 171 -2.07 -11.18 -9.34
C ALA A 171 -3.24 -10.24 -9.46
N TYR A 172 -4.09 -10.44 -10.46
CA TYR A 172 -5.30 -9.66 -10.61
C TYR A 172 -6.35 -10.64 -10.22
N SER A 173 -6.68 -10.66 -8.93
CA SER A 173 -7.45 -11.77 -8.36
C SER A 173 -8.82 -11.25 -8.17
N THR A 174 -9.79 -12.04 -8.58
CA THR A 174 -11.16 -11.78 -8.26
C THR A 174 -11.46 -12.12 -6.81
N VAL A 175 -11.07 -13.30 -6.36
CA VAL A 175 -11.34 -13.65 -4.96
C VAL A 175 -10.77 -12.58 -4.01
N ARG A 176 -9.53 -12.16 -4.23
CA ARG A 176 -8.94 -11.11 -3.40
C ARG A 176 -9.86 -9.90 -3.40
N ALA A 177 -10.37 -9.54 -4.58
CA ALA A 177 -11.23 -8.34 -4.72
C ALA A 177 -12.45 -8.35 -3.78
N HIS A 178 -13.02 -9.52 -3.51
CA HIS A 178 -14.14 -9.59 -2.59
C HIS A 178 -13.62 -9.37 -1.16
N LEU A 179 -12.69 -10.22 -0.75
CA LEU A 179 -11.99 -10.09 0.53
C LEU A 179 -11.48 -8.70 0.90
N MET A 180 -11.05 -7.93 -0.09
CA MET A 180 -10.65 -6.52 0.13
C MET A 180 -11.77 -5.61 0.66
N LYS A 181 -13.01 -5.93 0.33
CA LYS A 181 -14.17 -5.16 0.83
C LYS A 181 -14.51 -5.53 2.28
N LYS A 182 -14.09 -6.72 2.74
CA LYS A 182 -14.30 -7.15 4.14
C LYS A 182 -13.54 -6.30 5.17
N PRO A 183 -13.84 -6.45 6.48
CA PRO A 183 -13.28 -5.53 7.45
C PRO A 183 -11.90 -5.94 7.92
N ARG A 184 -11.13 -4.94 8.36
CA ARG A 184 -9.77 -5.12 8.88
C ARG A 184 -8.86 -5.90 7.90
N PHE A 185 -8.94 -5.51 6.63
CA PHE A 185 -8.19 -6.11 5.52
C PHE A 185 -7.30 -5.03 4.96
N ASP A 186 -6.00 -5.14 5.24
CA ASP A 186 -4.98 -4.28 4.66
C ASP A 186 -4.55 -4.79 3.27
N TYR A 187 -4.35 -3.87 2.33
CA TYR A 187 -4.08 -4.18 0.92
C TYR A 187 -3.28 -3.05 0.25
N SER A 188 -2.39 -3.39 -0.69
CA SER A 188 -1.65 -2.39 -1.45
C SER A 188 -1.11 -2.89 -2.75
N GLN A 189 -1.02 -1.99 -3.71
CA GLN A 189 -0.80 -2.34 -5.09
C GLN A 189 0.02 -1.22 -5.69
N GLN A 190 1.19 -1.59 -6.18
CA GLN A 190 2.15 -0.67 -6.72
C GLN A 190 2.62 -1.20 -8.07
N TYR A 191 2.45 -0.41 -9.11
CA TYR A 191 3.10 -0.64 -10.39
C TYR A 191 4.44 0.03 -10.33
N ILE A 192 5.54 -0.73 -10.41
CA ILE A 192 6.90 -0.14 -10.40
C ILE A 192 7.30 0.59 -11.69
N PRO A 193 8.35 1.44 -11.60
CA PRO A 193 8.78 2.22 -12.77
C PRO A 193 9.18 1.41 -14.02
N HIS A 194 9.72 0.21 -13.83
CA HIS A 194 10.18 -0.61 -14.95
C HIS A 194 9.13 -1.50 -15.51
N GLY A 195 9.41 -1.97 -16.71
CA GLY A 195 8.57 -2.94 -17.40
C GLY A 195 9.47 -4.02 -17.95
N TYR A 196 8.88 -5.10 -18.47
CA TYR A 196 9.72 -6.17 -19.01
C TYR A 196 9.25 -6.55 -20.39
N MET A 197 10.17 -7.01 -21.23
CA MET A 197 9.79 -7.57 -22.52
C MET A 197 10.71 -8.73 -22.90
N GLU A 198 10.13 -9.74 -23.56
CA GLU A 198 10.81 -11.00 -23.89
C GLU A 198 11.51 -10.98 -25.28
N LEU A 199 12.79 -11.36 -25.29
CA LEU A 199 13.58 -11.50 -26.51
C LEU A 199 14.30 -12.84 -26.46
N THR A 200 14.35 -13.55 -27.58
CA THR A 200 14.88 -14.93 -27.60
C THR A 200 16.24 -15.02 -28.29
N ILE A 201 17.21 -15.64 -27.62
CA ILE A 201 18.48 -16.00 -28.28
C ILE A 201 18.29 -17.39 -28.89
N PRO A 202 18.59 -17.56 -30.20
CA PRO A 202 18.45 -18.89 -30.83
C PRO A 202 19.66 -19.83 -30.62
N PRO A 203 19.57 -21.05 -31.17
CA PRO A 203 20.79 -21.82 -31.40
C PRO A 203 21.65 -21.26 -32.54
N LYS A 204 22.97 -21.32 -32.35
CA LYS A 204 23.96 -20.97 -33.36
C LYS A 204 24.42 -22.29 -33.93
N ASN A 205 23.97 -22.59 -35.14
CA ASN A 205 24.35 -23.84 -35.83
C ASN A 205 23.96 -25.06 -35.00
N GLY A 206 22.76 -24.99 -34.44
CA GLY A 206 22.15 -26.10 -33.71
C GLY A 206 22.75 -26.48 -32.38
N GLU A 207 23.58 -25.62 -31.78
CA GLU A 207 23.95 -25.73 -30.36
C GLU A 207 23.62 -24.42 -29.65
N TYR A 208 23.70 -24.42 -28.33
CA TYR A 208 23.39 -23.24 -27.51
C TYR A 208 24.42 -22.14 -27.80
N ALA A 209 24.01 -20.91 -28.13
CA ALA A 209 25.00 -19.84 -28.40
C ALA A 209 25.78 -19.36 -27.18
N MET A 210 25.41 -19.81 -25.98
CA MET A 210 26.12 -19.47 -24.73
C MET A 210 26.21 -20.70 -23.84
N GLU A 211 26.83 -20.52 -22.70
CA GLU A 211 27.13 -21.60 -21.80
C GLU A 211 25.77 -21.97 -21.18
N PRO A 212 25.26 -23.17 -21.46
CA PRO A 212 23.84 -23.38 -21.21
C PRO A 212 23.46 -23.77 -19.78
N ASN A 213 24.41 -23.88 -18.86
CA ASN A 213 24.07 -24.18 -17.45
C ASN A 213 24.47 -23.04 -16.53
N CYS A 214 23.87 -21.91 -16.86
CA CYS A 214 24.16 -20.65 -16.26
C CYS A 214 22.95 -19.76 -16.40
N LEU A 215 22.66 -18.99 -15.36
CA LEU A 215 21.77 -17.83 -15.47
C LEU A 215 22.59 -16.74 -16.09
N HIS A 216 22.17 -16.26 -17.24
CA HIS A 216 22.89 -15.18 -17.87
C HIS A 216 22.35 -13.85 -17.41
N ILE A 217 23.23 -13.01 -16.85
CA ILE A 217 22.86 -11.63 -16.47
C ILE A 217 23.72 -10.57 -17.17
N TRP A 218 23.06 -9.52 -17.65
CA TRP A 218 23.69 -8.31 -18.20
C TRP A 218 23.26 -7.17 -17.26
N PRO A 219 23.96 -7.00 -16.12
CA PRO A 219 23.47 -6.07 -15.14
C PRO A 219 23.97 -4.66 -15.43
N ARG A 220 23.20 -3.84 -16.11
CA ARG A 220 23.43 -2.39 -16.09
C ARG A 220 22.51 -1.89 -14.98
N ASN A 221 22.43 -0.57 -14.76
CA ASN A 221 21.70 -0.08 -13.60
C ASN A 221 20.22 0.18 -13.98
N ALA A 222 20.00 1.19 -14.82
CA ALA A 222 18.64 1.50 -15.27
C ALA A 222 18.08 0.44 -16.21
N PHE A 223 18.95 -0.41 -16.78
CA PHE A 223 18.56 -1.47 -17.71
C PHE A 223 19.19 -2.75 -17.25
N MET A 224 18.46 -3.86 -17.26
CA MET A 224 19.04 -5.17 -16.93
C MET A 224 18.42 -6.26 -17.79
N MET A 225 19.25 -7.22 -18.17
CA MET A 225 18.77 -8.35 -18.97
C MET A 225 19.19 -9.65 -18.30
N ILE A 226 18.31 -10.62 -18.37
CA ILE A 226 18.64 -11.96 -17.94
C ILE A 226 18.28 -12.87 -19.09
N ALA A 227 18.93 -14.02 -19.17
CA ALA A 227 18.49 -15.04 -20.10
C ALA A 227 18.63 -16.42 -19.50
N LEU A 228 17.58 -17.23 -19.75
CA LEU A 228 17.39 -18.55 -19.14
C LEU A 228 17.28 -19.58 -20.26
N PRO A 229 18.08 -20.67 -20.20
CA PRO A 229 18.11 -21.70 -21.24
C PRO A 229 16.87 -22.55 -21.33
N ASN A 230 16.46 -22.85 -22.56
CA ASN A 230 15.36 -23.73 -22.87
C ASN A 230 15.98 -25.06 -23.34
N MET A 231 15.17 -26.02 -23.78
CA MET A 231 15.72 -27.30 -24.18
C MET A 231 16.03 -27.37 -25.67
N ASP A 232 15.12 -26.91 -26.53
CA ASP A 232 15.49 -26.58 -27.94
C ASP A 232 16.55 -25.56 -27.74
N LYS A 233 17.70 -25.69 -28.37
CA LYS A 233 18.89 -24.98 -27.84
C LYS A 233 18.86 -23.43 -28.03
N SER A 234 17.98 -22.83 -27.23
CA SER A 234 17.69 -21.41 -27.28
C SER A 234 17.89 -20.89 -25.86
N PHE A 235 17.81 -19.59 -25.70
CA PHE A 235 17.60 -18.99 -24.40
C PHE A 235 16.47 -18.06 -24.65
N THR A 236 15.67 -17.84 -23.61
CA THR A 236 14.74 -16.73 -23.61
C THR A 236 15.28 -15.70 -22.64
N CYS A 237 15.20 -14.45 -23.07
CA CYS A 237 15.74 -13.33 -22.30
C CYS A 237 14.59 -12.42 -21.95
N THR A 238 14.60 -11.89 -20.74
CA THR A 238 13.67 -10.80 -20.42
C THR A 238 14.55 -9.55 -20.27
N LEU A 239 14.06 -8.44 -20.81
CA LEU A 239 14.70 -7.14 -20.68
C LEU A 239 13.88 -6.20 -19.80
N PHE A 240 14.56 -5.69 -18.76
CA PHE A 240 14.00 -4.71 -17.82
C PHE A 240 14.61 -3.32 -18.00
N MET A 241 13.73 -2.33 -18.12
CA MET A 241 14.10 -0.92 -18.10
C MET A 241 12.89 -0.06 -17.78
N SER A 242 13.12 1.12 -17.20
CA SER A 242 12.06 2.11 -16.95
C SER A 242 11.23 2.38 -18.19
N PHE A 243 9.90 2.37 -18.05
CA PHE A 243 9.00 2.71 -19.17
C PHE A 243 9.38 4.02 -19.88
N GLU A 244 10.05 4.90 -19.14
CA GLU A 244 10.74 6.07 -19.70
C GLU A 244 11.55 5.65 -20.95
N GLU A 245 12.58 4.81 -20.80
CA GLU A 245 13.40 4.41 -21.98
C GLU A 245 12.66 3.64 -23.06
N PHE A 246 11.66 2.83 -22.70
CA PHE A 246 10.78 2.24 -23.71
C PHE A 246 10.15 3.33 -24.60
N GLU A 247 9.86 4.50 -24.00
CA GLU A 247 9.43 5.71 -24.75
C GLU A 247 10.50 6.10 -25.79
N LYS A 248 11.77 6.10 -25.37
CA LYS A 248 12.88 6.64 -26.16
C LYS A 248 13.41 5.80 -27.36
N LEU A 249 12.87 4.58 -27.53
CA LEU A 249 13.24 3.71 -28.63
C LEU A 249 11.97 3.32 -29.40
N PRO A 250 11.34 4.30 -30.10
CA PRO A 250 10.23 4.01 -31.01
C PRO A 250 10.67 3.51 -32.40
N THR A 251 11.96 3.69 -32.71
CA THR A 251 12.55 3.35 -34.02
C THR A 251 13.61 2.24 -33.96
N HIS A 252 13.67 1.44 -35.03
CA HIS A 252 14.56 0.28 -35.14
C HIS A 252 16.04 0.69 -34.96
N SER A 253 16.40 1.81 -35.59
CA SER A 253 17.70 2.44 -35.38
C SER A 253 17.98 2.68 -33.87
N ASP A 254 17.00 3.23 -33.14
CA ASP A 254 17.14 3.52 -31.69
C ASP A 254 17.43 2.24 -30.87
N VAL A 255 16.61 1.21 -31.10
CA VAL A 255 16.81 -0.12 -30.51
C VAL A 255 18.29 -0.53 -30.70
N LEU A 256 18.70 -0.58 -31.97
CA LEU A 256 20.06 -0.98 -32.37
C LEU A 256 21.12 -0.16 -31.64
N ASP A 257 20.98 1.16 -31.71
CA ASP A 257 21.90 2.11 -31.03
C ASP A 257 22.02 1.85 -29.54
N PHE A 258 20.85 1.65 -28.93
CA PHE A 258 20.75 1.37 -27.52
C PHE A 258 21.54 0.11 -27.20
N PHE A 259 21.16 -0.97 -27.91
CA PHE A 259 21.80 -2.26 -27.68
C PHE A 259 23.31 -2.20 -27.89
N GLN A 260 23.75 -1.55 -28.97
CA GLN A 260 25.18 -1.30 -29.19
C GLN A 260 25.82 -0.58 -28.00
N LYS A 261 25.09 0.35 -27.40
CA LYS A 261 25.62 1.13 -26.25
C LYS A 261 25.73 0.27 -24.98
N ASN A 262 24.60 -0.35 -24.61
CA ASN A 262 24.42 -0.98 -23.28
C ASN A 262 24.64 -2.50 -23.22
N PHE A 263 24.24 -3.20 -24.29
CA PHE A 263 24.38 -4.66 -24.39
C PHE A 263 25.03 -5.05 -25.73
N PRO A 264 26.35 -4.83 -25.87
CA PRO A 264 27.06 -5.10 -27.14
C PRO A 264 26.95 -6.54 -27.64
N ASP A 265 27.21 -7.51 -26.77
CA ASP A 265 27.25 -8.91 -27.18
C ASP A 265 25.89 -9.58 -27.39
N ALA A 266 24.78 -8.90 -27.08
CA ALA A 266 23.46 -9.43 -27.47
C ALA A 266 23.24 -9.45 -28.98
N ILE A 267 23.50 -8.34 -29.67
CA ILE A 267 23.16 -8.24 -31.10
C ILE A 267 23.58 -9.44 -31.98
N PRO A 268 24.86 -9.92 -31.84
CA PRO A 268 25.25 -11.18 -32.50
C PRO A 268 24.51 -12.40 -32.00
N LEU A 269 24.36 -12.51 -30.68
CA LEU A 269 23.72 -13.67 -30.02
C LEU A 269 22.28 -13.85 -30.47
N MET A 270 21.53 -12.75 -30.39
CA MET A 270 20.18 -12.66 -30.89
C MET A 270 20.29 -12.38 -32.39
N GLY A 271 19.24 -12.74 -33.12
CA GLY A 271 19.09 -12.28 -34.49
C GLY A 271 19.15 -10.76 -34.55
N GLU A 272 20.15 -10.23 -35.26
CA GLU A 272 20.28 -8.79 -35.55
C GLU A 272 18.97 -8.15 -36.09
N GLN A 273 18.25 -8.87 -36.93
CA GLN A 273 16.99 -8.41 -37.53
C GLN A 273 15.77 -8.91 -36.77
N ALA A 274 15.86 -10.11 -36.18
CA ALA A 274 14.74 -10.69 -35.38
C ALA A 274 14.56 -9.98 -34.04
N LEU A 275 15.65 -9.40 -33.53
CA LEU A 275 15.63 -8.47 -32.40
C LEU A 275 14.56 -7.39 -32.62
N MET A 276 14.56 -6.80 -33.81
CA MET A 276 13.55 -5.81 -34.19
C MET A 276 12.11 -6.35 -34.35
N ARG A 277 11.93 -7.57 -34.87
CA ARG A 277 10.57 -8.16 -34.93
C ARG A 277 10.07 -8.40 -33.52
N ASP A 278 10.94 -9.01 -32.69
CA ASP A 278 10.57 -9.43 -31.33
C ASP A 278 10.41 -8.26 -30.34
N PHE A 279 11.23 -7.20 -30.48
CA PHE A 279 11.08 -5.98 -29.65
C PHE A 279 9.72 -5.34 -29.86
N PHE A 280 9.40 -4.97 -31.10
CA PHE A 280 8.16 -4.25 -31.39
C PHE A 280 6.94 -5.15 -31.55
N LEU A 281 7.01 -6.40 -31.05
CA LEU A 281 5.97 -7.41 -31.31
C LEU A 281 4.75 -7.18 -30.42
N LEU A 282 5.01 -6.78 -29.17
CA LEU A 282 3.99 -6.14 -28.30
C LEU A 282 4.71 -5.34 -27.20
N PRO A 283 4.00 -4.44 -26.47
CA PRO A 283 4.69 -3.41 -25.66
C PRO A 283 5.12 -3.87 -24.29
N ALA A 284 6.10 -3.16 -23.73
CA ALA A 284 6.69 -3.51 -22.43
C ALA A 284 5.59 -3.76 -21.42
N GLN A 285 5.78 -4.82 -20.64
CA GLN A 285 4.79 -5.29 -19.69
C GLN A 285 5.03 -4.60 -18.36
N PRO A 286 3.94 -4.22 -17.64
CA PRO A 286 4.13 -3.66 -16.30
C PRO A 286 4.28 -4.77 -15.29
N MET A 287 5.01 -4.47 -14.23
CA MET A 287 5.15 -5.39 -13.13
C MET A 287 4.42 -4.73 -11.97
N ILE A 288 3.54 -5.50 -11.35
CA ILE A 288 2.75 -5.06 -10.24
C ILE A 288 3.32 -5.73 -9.00
N SER A 289 3.12 -5.07 -7.88
CA SER A 289 3.39 -5.61 -6.58
C SER A 289 2.11 -5.42 -5.79
N VAL A 290 1.48 -6.50 -5.36
CA VAL A 290 0.39 -6.40 -4.42
C VAL A 290 0.74 -7.11 -3.13
N LYS A 291 0.51 -6.41 -2.03
CA LYS A 291 0.56 -6.99 -0.71
C LYS A 291 -0.83 -6.98 -0.15
N CYS A 292 -1.12 -7.98 0.68
CA CYS A 292 -2.32 -7.95 1.49
C CYS A 292 -2.19 -8.70 2.80
N SER A 293 -3.08 -8.37 3.73
CA SER A 293 -3.21 -9.11 4.98
C SER A 293 -4.61 -8.92 5.55
N PRO A 294 -5.21 -9.97 6.13
CA PRO A 294 -4.69 -11.34 6.19
C PRO A 294 -5.03 -12.14 4.92
N PHE A 295 -4.73 -13.44 4.85
CA PHE A 295 -4.96 -14.23 3.62
C PHE A 295 -6.24 -15.01 3.60
N HIS A 296 -7.07 -14.88 4.64
CA HIS A 296 -8.24 -15.75 4.79
C HIS A 296 -9.43 -15.06 5.41
N LEU A 297 -10.55 -15.77 5.33
CA LEU A 297 -11.81 -15.31 5.92
C LEU A 297 -12.55 -16.46 6.57
N LYS A 298 -12.53 -16.49 7.91
CA LYS A 298 -13.41 -17.34 8.72
C LYS A 298 -13.58 -18.76 8.17
N SER A 299 -12.47 -19.42 7.87
CA SER A 299 -12.49 -20.86 7.49
C SER A 299 -13.36 -21.29 6.25
N ARG A 300 -13.88 -20.32 5.50
CA ARG A 300 -14.62 -20.56 4.27
C ARG A 300 -13.84 -20.12 3.01
N CYS A 301 -12.76 -19.34 3.19
CA CYS A 301 -12.03 -18.71 2.09
C CYS A 301 -10.55 -18.38 2.43
N VAL A 302 -9.68 -18.60 1.45
CA VAL A 302 -8.22 -18.43 1.58
C VAL A 302 -7.61 -18.08 0.23
N LEU A 303 -6.53 -17.28 0.27
CA LEU A 303 -5.80 -16.82 -0.94
C LEU A 303 -4.46 -17.50 -0.94
N MET A 304 -3.89 -17.68 -2.13
CA MET A 304 -2.61 -18.36 -2.29
C MET A 304 -1.93 -18.02 -3.60
N GLY A 305 -0.61 -17.93 -3.54
CA GLY A 305 0.19 -17.56 -4.71
C GLY A 305 0.10 -16.08 -5.03
N ASP A 306 0.02 -15.77 -6.33
CA ASP A 306 -0.04 -14.41 -6.85
C ASP A 306 -1.29 -13.67 -6.42
N ALA A 307 -2.37 -14.38 -6.08
CA ALA A 307 -3.56 -13.75 -5.49
C ALA A 307 -3.28 -13.18 -4.11
N ALA A 308 -2.51 -13.89 -3.32
CA ALA A 308 -2.06 -13.45 -1.98
C ALA A 308 -0.90 -12.42 -1.97
N HIS A 309 0.04 -12.62 -2.87
CA HIS A 309 1.24 -11.79 -3.01
C HIS A 309 1.60 -11.83 -4.45
N ALA A 310 1.97 -10.71 -5.01
CA ALA A 310 2.38 -10.66 -6.37
C ALA A 310 3.63 -9.85 -6.18
N ILE A 311 4.79 -10.40 -6.50
CA ILE A 311 6.06 -9.73 -6.23
C ILE A 311 6.79 -9.44 -7.53
N VAL A 312 7.49 -8.33 -7.55
CA VAL A 312 8.23 -7.92 -8.74
C VAL A 312 9.28 -8.97 -9.04
N PRO A 313 9.46 -9.32 -10.31
CA PRO A 313 10.24 -10.49 -10.65
C PRO A 313 11.75 -10.29 -10.61
N PHE A 314 12.27 -10.10 -9.39
CA PHE A 314 13.69 -9.78 -9.20
C PHE A 314 14.47 -10.69 -8.24
N PHE A 315 13.89 -11.85 -7.89
CA PHE A 315 14.61 -12.92 -7.16
C PHE A 315 14.38 -14.36 -7.66
N GLY A 316 13.55 -14.54 -8.69
CA GLY A 316 13.13 -15.86 -9.17
C GLY A 316 12.28 -16.68 -8.19
N GLN A 317 11.48 -16.01 -7.37
CA GLN A 317 10.79 -16.68 -6.26
C GLN A 317 9.23 -16.60 -6.24
N GLY A 318 8.60 -16.01 -7.25
CA GLY A 318 7.14 -15.85 -7.21
C GLY A 318 6.37 -17.17 -7.24
N MET A 319 6.80 -18.04 -8.14
CA MET A 319 6.24 -19.36 -8.25
C MET A 319 6.74 -20.19 -7.10
N ASN A 320 8.01 -20.07 -6.73
CA ASN A 320 8.54 -20.87 -5.61
C ASN A 320 7.77 -20.62 -4.31
N ALA A 321 7.43 -19.35 -4.07
CA ALA A 321 6.76 -18.95 -2.84
C ALA A 321 5.31 -19.41 -2.85
N GLY A 322 4.63 -19.15 -3.94
CA GLY A 322 3.26 -19.63 -4.08
C GLY A 322 3.18 -21.14 -4.00
N PHE A 323 4.16 -21.84 -4.57
CA PHE A 323 4.21 -23.29 -4.43
C PHE A 323 4.37 -23.61 -2.98
N GLU A 324 5.31 -22.92 -2.31
CA GLU A 324 5.52 -23.14 -0.88
C GLU A 324 4.27 -22.87 -0.01
N ASP A 325 3.42 -21.89 -0.37
CA ASP A 325 2.13 -21.67 0.32
C ASP A 325 1.34 -23.00 0.40
N CYS A 326 1.18 -23.60 -0.78
CA CYS A 326 0.51 -24.90 -0.91
C CYS A 326 1.06 -25.93 0.04
N LEU A 327 2.39 -25.98 0.14
CA LEU A 327 3.06 -26.96 0.99
C LEU A 327 2.86 -26.67 2.48
N VAL A 328 3.19 -25.44 2.88
CA VAL A 328 2.93 -24.96 4.25
C VAL A 328 1.49 -25.20 4.71
N PHE A 329 0.51 -24.94 3.84
CA PHE A 329 -0.89 -25.29 4.14
C PHE A 329 -1.06 -26.73 4.45
N ASP A 330 -0.56 -27.56 3.53
CA ASP A 330 -0.67 -29.02 3.63
C ASP A 330 -0.01 -29.53 4.93
N GLU A 331 1.11 -28.92 5.32
CA GLU A 331 1.74 -29.23 6.61
C GLU A 331 0.84 -28.86 7.80
N LEU A 332 0.18 -27.70 7.74
CA LEU A 332 -0.81 -27.36 8.76
C LEU A 332 -2.03 -28.31 8.73
N MET A 333 -2.45 -28.79 7.56
CA MET A 333 -3.58 -29.76 7.52
C MET A 333 -3.25 -31.14 8.14
N ASP A 334 -1.99 -31.57 7.98
CA ASP A 334 -1.44 -32.68 8.76
C ASP A 334 -1.45 -32.30 10.25
N LYS A 335 -0.70 -31.24 10.57
CA LYS A 335 -0.50 -30.79 11.95
C LYS A 335 -1.81 -30.55 12.74
N PHE A 336 -2.89 -30.13 12.10
CA PHE A 336 -4.17 -29.88 12.79
C PHE A 336 -5.31 -30.77 12.29
N ASN A 337 -4.97 -32.00 11.90
CA ASN A 337 -5.95 -32.99 11.46
C ASN A 337 -7.12 -32.37 10.65
N ASN A 338 -6.80 -31.60 9.62
CA ASN A 338 -7.81 -31.02 8.69
C ASN A 338 -8.89 -30.09 9.23
N ASP A 339 -8.58 -29.38 10.31
CA ASP A 339 -9.51 -28.39 10.85
C ASP A 339 -9.25 -27.08 10.11
N LEU A 340 -10.18 -26.70 9.23
CA LEU A 340 -10.04 -25.46 8.45
C LEU A 340 -10.08 -24.19 9.33
N SER A 341 -10.87 -24.23 10.41
CA SER A 341 -10.96 -23.12 11.37
C SER A 341 -9.68 -22.84 12.13
N VAL A 342 -8.83 -23.87 12.18
CA VAL A 342 -7.46 -23.75 12.69
C VAL A 342 -6.50 -23.39 11.54
N CYS A 343 -6.53 -24.21 10.49
CA CYS A 343 -5.62 -24.04 9.39
C CYS A 343 -5.69 -22.66 8.74
N LEU A 344 -6.87 -22.11 8.51
CA LEU A 344 -6.95 -20.84 7.77
C LEU A 344 -6.37 -19.66 8.55
N PRO A 345 -6.74 -19.49 9.82
CA PRO A 345 -6.02 -18.47 10.63
C PRO A 345 -4.53 -18.71 10.80
N GLU A 346 -4.13 -19.99 10.88
CA GLU A 346 -2.73 -20.36 11.05
C GLU A 346 -1.89 -20.09 9.83
N PHE A 347 -2.43 -20.42 8.65
CA PHE A 347 -1.85 -20.05 7.38
C PHE A 347 -1.52 -18.58 7.39
N SER A 348 -2.53 -17.76 7.64
CA SER A 348 -2.33 -16.32 7.68
C SER A 348 -1.29 -15.96 8.71
N ARG A 349 -1.33 -16.51 9.91
CA ARG A 349 -0.32 -16.10 10.93
C ARG A 349 1.11 -16.46 10.56
N PHE A 350 1.28 -17.71 10.15
CA PHE A 350 2.57 -18.32 9.84
C PHE A 350 3.21 -17.78 8.56
N ARG A 351 2.37 -17.66 7.52
CA ARG A 351 2.83 -17.44 6.17
C ARG A 351 2.95 -16.00 5.73
N ILE A 352 2.07 -15.15 6.20
CA ILE A 352 2.09 -13.72 5.85
C ILE A 352 3.42 -13.00 6.14
N PRO A 353 4.04 -13.25 7.31
CA PRO A 353 5.39 -12.74 7.52
C PRO A 353 6.34 -13.09 6.40
N ASP A 354 6.42 -14.36 6.06
CA ASP A 354 7.32 -14.83 5.01
C ASP A 354 6.94 -14.30 3.64
N ASP A 355 5.69 -14.50 3.23
CA ASP A 355 5.30 -13.99 1.90
C ASP A 355 5.51 -12.48 1.76
N HIS A 356 5.39 -11.72 2.86
CA HIS A 356 5.75 -10.30 2.85
C HIS A 356 7.28 -10.10 2.74
N ALA A 357 8.05 -10.91 3.46
CA ALA A 357 9.51 -10.73 3.47
C ALA A 357 10.15 -10.97 2.09
N ILE A 358 9.70 -11.99 1.38
CA ILE A 358 10.15 -12.28 0.00
C ILE A 358 9.70 -11.20 -0.99
N SER A 359 8.49 -10.69 -0.77
CA SER A 359 8.02 -9.51 -1.47
C SER A 359 9.00 -8.35 -1.25
N ASP A 360 9.41 -8.11 0.00
CA ASP A 360 10.39 -7.03 0.29
C ASP A 360 11.74 -7.27 -0.33
N LEU A 361 12.32 -8.46 -0.08
CA LEU A 361 13.56 -8.91 -0.74
C LEU A 361 13.55 -8.66 -2.21
N SER A 362 12.50 -9.15 -2.88
CA SER A 362 12.32 -8.89 -4.31
C SER A 362 12.39 -7.39 -4.68
N MET A 363 11.86 -6.52 -3.82
CA MET A 363 11.71 -5.11 -4.17
C MET A 363 13.04 -4.43 -3.94
N TYR A 364 13.59 -4.67 -2.75
CA TYR A 364 14.94 -4.28 -2.38
C TYR A 364 15.88 -4.55 -3.52
N ASN A 365 15.86 -5.79 -3.99
CA ASN A 365 16.73 -6.24 -5.08
C ASN A 365 16.52 -5.39 -6.30
N TYR A 366 15.29 -5.26 -6.73
CA TYR A 366 14.97 -4.41 -7.89
C TYR A 366 15.49 -2.99 -7.71
N ILE A 367 15.34 -2.41 -6.51
CA ILE A 367 15.83 -1.05 -6.24
C ILE A 367 17.35 -0.99 -6.31
N GLU A 368 18.01 -1.78 -5.48
CA GLU A 368 19.44 -2.01 -5.54
C GLU A 368 19.93 -2.13 -6.97
N MET A 369 19.21 -2.87 -7.80
CA MET A 369 19.69 -3.10 -9.17
C MET A 369 19.57 -1.89 -10.08
N ARG A 370 18.97 -0.81 -9.62
CA ARG A 370 18.95 0.39 -10.44
C ARG A 370 19.85 1.47 -9.89
N ALA A 371 20.23 1.38 -8.63
CA ALA A 371 21.19 2.30 -8.00
C ALA A 371 22.60 1.96 -8.45
N HIS A 372 23.00 0.71 -8.26
CA HIS A 372 24.35 0.26 -8.55
C HIS A 372 24.47 -1.26 -8.60
N VAL A 373 24.31 -1.80 -9.80
CA VAL A 373 24.83 -3.10 -10.12
C VAL A 373 25.26 -2.86 -11.54
N ASN A 374 26.54 -3.07 -11.77
CA ASN A 374 27.11 -2.92 -13.08
C ASN A 374 27.80 -4.24 -13.30
N SER A 375 28.49 -4.35 -14.42
CA SER A 375 29.43 -5.43 -14.64
C SER A 375 30.14 -5.86 -13.32
N ARG A 376 30.68 -4.85 -12.63
CA ARG A 376 31.70 -5.00 -11.58
C ARG A 376 31.18 -5.33 -10.18
N TRP A 377 30.12 -4.63 -9.77
CA TRP A 377 29.59 -4.71 -8.40
C TRP A 377 28.99 -6.07 -8.07
N PHE A 378 28.21 -6.57 -9.02
CA PHE A 378 27.65 -7.90 -8.97
C PHE A 378 28.69 -8.88 -8.47
N LEU A 379 29.83 -8.91 -9.14
CA LEU A 379 30.97 -9.77 -8.83
C LEU A 379 31.57 -9.62 -7.44
N PHE A 380 31.89 -8.38 -7.10
CA PHE A 380 32.43 -8.05 -5.78
C PHE A 380 31.45 -8.51 -4.68
N GLN A 381 30.18 -8.17 -4.85
CA GLN A 381 29.14 -8.50 -3.87
C GLN A 381 29.04 -10.00 -3.60
N ARG A 382 28.99 -10.80 -4.66
CA ARG A 382 28.90 -12.27 -4.56
C ARG A 382 30.19 -12.89 -4.10
N LEU A 383 31.32 -12.47 -4.68
CA LEU A 383 32.61 -13.01 -4.24
C LEU A 383 32.91 -12.71 -2.76
N LEU A 384 32.60 -11.50 -2.30
CA LEU A 384 32.67 -11.17 -0.88
C LEU A 384 31.80 -12.13 -0.04
N ASP A 385 30.60 -12.40 -0.55
CA ASP A 385 29.67 -13.33 0.11
C ASP A 385 30.31 -14.70 0.21
N LYS A 386 30.91 -15.13 -0.89
CA LYS A 386 31.57 -16.43 -0.95
C LYS A 386 32.75 -16.51 0.00
N PHE A 387 33.52 -15.41 0.08
CA PHE A 387 34.65 -15.28 1.00
C PHE A 387 34.22 -15.60 2.42
N LEU A 388 33.22 -14.87 2.87
CA LEU A 388 32.80 -14.90 4.27
C LEU A 388 32.14 -16.22 4.70
N HIS A 389 31.48 -16.89 3.75
CA HIS A 389 30.89 -18.22 3.99
C HIS A 389 32.02 -19.21 4.22
N ALA A 390 32.98 -19.21 3.29
CA ALA A 390 34.19 -20.04 3.36
C ALA A 390 35.00 -19.78 4.63
N LEU A 391 35.10 -18.50 5.01
CA LEU A 391 35.70 -18.08 6.30
C LEU A 391 34.92 -18.63 7.51
N MET A 392 33.64 -18.25 7.62
CA MET A 392 32.84 -18.54 8.80
C MET A 392 31.54 -19.30 8.45
N PRO A 393 31.66 -20.52 7.87
CA PRO A 393 30.46 -21.33 7.92
C PRO A 393 30.31 -21.91 9.34
N SER A 394 29.11 -21.98 9.93
CA SER A 394 27.83 -21.64 9.31
C SER A 394 27.41 -20.18 9.48
N THR A 395 28.01 -19.44 10.43
CA THR A 395 27.49 -18.13 10.91
C THR A 395 27.16 -17.11 9.81
N PHE A 396 27.87 -17.19 8.68
CA PHE A 396 27.52 -16.44 7.47
C PHE A 396 27.10 -17.41 6.34
N ILE A 397 25.83 -17.34 5.92
CA ILE A 397 25.35 -17.99 4.70
C ILE A 397 24.86 -16.86 3.80
N PRO A 398 25.29 -16.83 2.51
CA PRO A 398 24.79 -15.76 1.64
C PRO A 398 23.27 -15.81 1.44
N LEU A 399 22.69 -14.64 1.14
CA LEU A 399 21.23 -14.49 0.98
C LEU A 399 20.73 -15.42 -0.09
N TYR A 400 21.38 -15.40 -1.25
CA TYR A 400 20.89 -16.22 -2.33
C TYR A 400 20.77 -17.66 -1.88
N THR A 401 21.84 -18.21 -1.31
CA THR A 401 21.79 -19.58 -0.77
C THR A 401 20.56 -19.76 0.12
N MET A 402 20.31 -18.81 1.05
CA MET A 402 19.21 -18.98 2.04
C MET A 402 17.80 -19.04 1.42
N VAL A 403 17.55 -18.18 0.43
CA VAL A 403 16.22 -18.12 -0.19
C VAL A 403 16.09 -19.21 -1.26
N ALA A 404 17.14 -19.42 -2.05
CA ALA A 404 17.10 -20.36 -3.17
C ALA A 404 17.32 -21.82 -2.80
N PHE A 405 18.22 -22.12 -1.87
CA PHE A 405 18.53 -23.51 -1.59
C PHE A 405 18.09 -24.00 -0.22
N THR A 406 17.21 -23.28 0.44
CA THR A 406 16.64 -23.78 1.68
C THR A 406 15.19 -23.35 1.88
N ARG A 407 14.59 -23.93 2.91
CA ARG A 407 13.26 -23.54 3.36
C ARG A 407 13.27 -22.78 4.71
N ILE A 408 14.42 -22.16 5.05
CA ILE A 408 14.49 -21.20 6.15
C ILE A 408 13.39 -20.20 5.86
N ARG A 409 12.56 -19.87 6.84
CA ARG A 409 11.47 -18.95 6.60
C ARG A 409 11.97 -17.59 6.07
N TYR A 410 11.28 -17.03 5.10
CA TYR A 410 11.80 -15.86 4.39
C TYR A 410 12.18 -14.70 5.34
N HIS A 411 11.28 -14.41 6.29
CA HIS A 411 11.48 -13.30 7.25
C HIS A 411 12.69 -13.56 8.15
N GLU A 412 12.85 -14.82 8.56
CA GLU A 412 14.03 -15.25 9.27
C GLU A 412 15.27 -15.06 8.40
N ALA A 413 15.20 -15.49 7.14
CA ALA A 413 16.32 -15.25 6.21
C ALA A 413 16.66 -13.77 6.11
N VAL A 414 15.64 -12.90 6.12
CA VAL A 414 15.89 -11.44 6.21
C VAL A 414 16.56 -11.03 7.53
N LEU A 415 16.04 -11.55 8.64
CA LEU A 415 16.66 -11.27 9.95
C LEU A 415 18.15 -11.65 9.94
N ARG A 416 18.43 -12.92 9.61
CA ARG A 416 19.81 -13.45 9.49
C ARG A 416 20.63 -12.59 8.53
N TRP A 417 20.08 -12.30 7.36
CA TRP A 417 20.79 -11.45 6.42
C TRP A 417 21.12 -10.06 6.97
N HIS A 418 20.21 -9.45 7.73
CA HIS A 418 20.53 -8.14 8.36
C HIS A 418 21.60 -8.32 9.42
N TRP A 419 21.34 -9.22 10.37
CA TRP A 419 22.31 -9.54 11.44
C TRP A 419 23.73 -9.75 10.91
N GLN A 420 23.85 -10.67 9.95
CA GLN A 420 25.12 -10.87 9.23
C GLN A 420 25.75 -9.56 8.75
N LYS A 421 24.95 -8.71 8.09
CA LYS A 421 25.49 -7.46 7.53
C LYS A 421 25.95 -6.52 8.66
N LYS A 422 25.19 -6.52 9.75
CA LYS A 422 25.60 -5.88 11.01
C LYS A 422 26.97 -6.40 11.51
N VAL A 423 27.11 -7.72 11.69
CA VAL A 423 28.44 -8.25 12.15
C VAL A 423 29.59 -8.07 11.10
N ILE A 424 29.34 -8.16 9.80
CA ILE A 424 30.37 -7.73 8.79
C ILE A 424 30.71 -6.24 8.93
N ASN A 425 29.71 -5.37 9.07
CA ASN A 425 30.05 -3.93 9.25
C ASN A 425 30.81 -3.61 10.56
N ARG A 426 30.31 -4.15 11.69
CA ARG A 426 31.01 -3.97 12.98
C ARG A 426 32.42 -4.61 12.97
N GLY A 427 32.49 -5.86 12.49
CA GLY A 427 33.77 -6.57 12.34
C GLY A 427 34.77 -5.94 11.38
N LEU A 428 34.28 -5.33 10.29
CA LEU A 428 35.13 -4.55 9.38
C LEU A 428 35.67 -3.34 10.10
N PHE A 429 34.78 -2.60 10.77
CA PHE A 429 35.21 -1.40 11.51
C PHE A 429 36.44 -1.63 12.40
N VAL A 430 36.41 -2.67 13.24
CA VAL A 430 37.55 -2.93 14.14
C VAL A 430 38.88 -3.26 13.39
N LEU A 431 38.80 -4.06 12.31
CA LEU A 431 39.97 -4.31 11.44
C LEU A 431 40.47 -3.02 10.79
N GLY A 432 39.54 -2.20 10.28
CA GLY A 432 39.88 -0.90 9.69
C GLY A 432 40.60 0.01 10.68
N SER A 433 40.02 0.11 11.88
CA SER A 433 40.66 0.88 12.96
C SER A 433 41.97 0.24 13.48
N LEU A 434 42.02 -1.08 13.65
CA LEU A 434 43.30 -1.71 14.08
C LEU A 434 44.40 -1.53 13.02
N VAL A 435 44.05 -1.64 11.74
CA VAL A 435 44.92 -1.22 10.61
C VAL A 435 45.34 0.24 10.77
N ALA A 436 44.35 1.11 10.99
CA ALA A 436 44.60 2.56 11.22
C ALA A 436 45.56 2.92 12.38
N ILE A 437 45.45 2.25 13.54
CA ILE A 437 46.44 2.43 14.64
C ILE A 437 47.78 1.71 14.31
N GLY A 438 47.68 0.52 13.68
CA GLY A 438 48.86 -0.27 13.27
C GLY A 438 49.80 0.45 12.32
N SER A 439 49.21 1.15 11.33
CA SER A 439 49.98 2.04 10.44
C SER A 439 50.83 3.09 11.18
N ALA A 440 50.17 3.90 12.02
CA ALA A 440 50.81 5.01 12.75
C ALA A 440 51.89 4.58 13.77
N TYR A 441 51.61 3.51 14.52
CA TYR A 441 52.56 2.97 15.50
C TYR A 441 53.82 2.38 14.84
N ILE A 442 53.64 1.61 13.76
CA ILE A 442 54.78 1.13 12.94
C ILE A 442 55.47 2.28 12.17
N LEU A 443 54.73 3.34 11.80
CA LEU A 443 55.34 4.52 11.15
C LEU A 443 56.18 5.40 12.12
N VAL A 444 55.67 5.70 13.32
CA VAL A 444 56.47 6.46 14.32
C VAL A 444 57.59 5.59 14.93
N HIS A 445 57.31 4.33 15.26
CA HIS A 445 58.38 3.38 15.67
C HIS A 445 57.98 1.92 15.47
N THR B 8 -16.56 27.19 -18.42
CA THR B 8 -17.66 27.83 -19.20
C THR B 8 -19.03 27.19 -18.87
N GLU B 9 -20.09 27.91 -19.26
CA GLU B 9 -21.48 27.61 -18.85
C GLU B 9 -22.10 26.31 -19.41
N GLY B 10 -21.70 25.92 -20.62
CA GLY B 10 -22.27 24.74 -21.28
C GLY B 10 -22.01 23.38 -20.65
N LYS B 11 -20.96 23.28 -19.81
CA LYS B 11 -20.46 22.01 -19.26
C LYS B 11 -21.21 21.48 -18.03
N ARG B 12 -21.68 20.24 -18.11
CA ARG B 12 -22.28 19.54 -16.97
C ARG B 12 -21.25 18.79 -16.11
N VAL B 13 -21.34 18.90 -14.77
CA VAL B 13 -20.46 18.17 -13.83
C VAL B 13 -21.31 17.50 -12.75
N VAL B 14 -20.91 16.30 -12.34
CA VAL B 14 -21.53 15.62 -11.20
C VAL B 14 -20.54 15.47 -10.04
N VAL B 15 -21.02 15.74 -8.84
CA VAL B 15 -20.21 15.62 -7.66
C VAL B 15 -20.80 14.47 -6.90
N ILE B 16 -20.02 13.41 -6.74
CA ILE B 16 -20.52 12.25 -6.01
C ILE B 16 -20.19 12.47 -4.54
N GLY B 17 -21.23 12.43 -3.71
CA GLY B 17 -21.12 12.73 -2.28
C GLY B 17 -21.39 14.22 -1.98
N GLY B 18 -22.21 14.44 -0.92
CA GLY B 18 -22.62 15.77 -0.44
C GLY B 18 -22.14 15.88 0.98
N GLY B 19 -20.88 15.51 1.15
CA GLY B 19 -20.19 15.69 2.40
C GLY B 19 -19.48 17.03 2.45
N LEU B 20 -18.53 17.10 3.37
CA LEU B 20 -17.77 18.31 3.58
C LEU B 20 -17.08 18.81 2.31
N VAL B 21 -16.28 17.93 1.71
CA VAL B 21 -15.57 18.24 0.47
C VAL B 21 -16.49 18.34 -0.74
N GLY B 22 -17.38 17.36 -0.88
CA GLY B 22 -18.34 17.36 -1.99
C GLY B 22 -19.12 18.65 -2.06
N ALA B 23 -19.73 19.03 -0.94
CA ALA B 23 -20.53 20.26 -0.92
C ALA B 23 -19.67 21.51 -1.18
N LEU B 24 -18.58 21.68 -0.43
CA LEU B 24 -17.61 22.75 -0.74
C LEU B 24 -17.25 22.83 -2.25
N ASN B 25 -16.71 21.75 -2.80
CA ASN B 25 -16.36 21.70 -4.24
C ASN B 25 -17.52 22.10 -5.16
N ALA B 26 -18.71 21.59 -4.85
CA ALA B 26 -19.91 21.97 -5.60
C ALA B 26 -20.10 23.50 -5.64
N CYS B 27 -19.77 24.16 -4.52
CA CYS B 27 -19.87 25.63 -4.48
C CYS B 27 -18.84 26.20 -5.45
N PHE B 28 -17.57 25.92 -5.19
CA PHE B 28 -16.48 26.39 -6.02
C PHE B 28 -16.83 26.24 -7.53
N LEU B 29 -17.35 25.06 -7.90
CA LEU B 29 -17.67 24.77 -9.31
C LEU B 29 -18.85 25.60 -9.76
N ALA B 30 -19.94 25.58 -8.99
CA ALA B 30 -21.11 26.44 -9.28
C ALA B 30 -20.72 27.92 -9.51
N LYS B 31 -19.81 28.39 -8.68
CA LYS B 31 -19.29 29.75 -8.74
C LYS B 31 -18.47 30.12 -10.02
N ARG B 32 -18.06 29.13 -10.84
CA ARG B 32 -17.53 29.44 -12.21
C ARG B 32 -18.46 28.87 -13.27
N ASN B 33 -19.75 28.89 -12.93
CA ASN B 33 -20.83 28.69 -13.86
C ASN B 33 -20.92 27.33 -14.51
N PHE B 34 -20.42 26.29 -13.86
CA PHE B 34 -20.75 24.95 -14.32
C PHE B 34 -22.20 24.57 -14.02
N GLN B 35 -22.71 23.54 -14.70
CA GLN B 35 -23.97 22.93 -14.29
C GLN B 35 -23.60 21.82 -13.33
N VAL B 36 -23.73 22.07 -12.05
CA VAL B 36 -23.26 21.11 -11.06
C VAL B 36 -24.42 20.42 -10.35
N ASP B 37 -24.39 19.08 -10.36
CA ASP B 37 -25.35 18.26 -9.62
C ASP B 37 -24.61 17.46 -8.56
N VAL B 38 -25.05 17.56 -7.30
CA VAL B 38 -24.42 16.82 -6.22
C VAL B 38 -25.28 15.63 -5.90
N TYR B 39 -24.69 14.44 -5.80
CA TYR B 39 -25.44 13.21 -5.51
C TYR B 39 -25.06 12.63 -4.16
N GLU B 40 -25.94 12.80 -3.17
CA GLU B 40 -25.67 12.36 -1.80
C GLU B 40 -26.49 11.13 -1.47
N ALA B 41 -25.83 10.01 -1.15
CA ALA B 41 -26.48 8.78 -0.70
C ALA B 41 -27.37 8.91 0.57
N ARG B 42 -27.00 9.74 1.52
CA ARG B 42 -27.87 9.97 2.69
C ARG B 42 -29.03 10.89 2.36
N GLU B 43 -30.05 10.85 3.20
CA GLU B 43 -31.10 11.87 3.16
C GLU B 43 -30.54 13.21 3.64
N ASP B 44 -31.27 14.29 3.38
CA ASP B 44 -30.83 15.63 3.75
C ASP B 44 -30.68 15.66 5.25
N ILE B 45 -29.45 15.83 5.69
CA ILE B 45 -29.16 15.89 7.11
C ILE B 45 -29.73 17.13 7.79
N ARG B 46 -30.11 18.14 7.00
CA ARG B 46 -30.76 19.33 7.53
C ARG B 46 -32.23 19.15 7.93
N VAL B 47 -32.87 18.11 7.40
CA VAL B 47 -34.23 17.70 7.81
C VAL B 47 -34.18 16.38 8.61
N ALA B 48 -33.53 15.35 8.08
CA ALA B 48 -33.54 14.02 8.71
C ALA B 48 -32.59 13.94 9.91
N SER B 55 -15.87 11.71 14.35
CA SER B 55 -15.85 13.16 14.47
C SER B 55 -17.25 13.76 14.39
N ILE B 56 -17.86 14.02 15.54
CA ILE B 56 -19.05 14.85 15.58
C ILE B 56 -18.61 16.32 15.37
N ASN B 57 -17.41 16.65 15.90
CA ASN B 57 -16.91 18.02 15.83
C ASN B 57 -15.37 18.09 15.65
N LEU B 58 -14.91 18.98 14.76
CA LEU B 58 -13.54 19.04 14.28
C LEU B 58 -12.88 20.42 14.20
N ALA B 59 -11.55 20.35 13.99
CA ALA B 59 -10.59 21.43 14.13
C ALA B 59 -10.29 22.14 12.81
N LEU B 60 -10.94 23.29 12.61
CA LEU B 60 -10.76 24.12 11.40
C LEU B 60 -9.56 25.02 11.58
N SER B 61 -8.87 25.33 10.51
CA SER B 61 -7.58 26.00 10.60
C SER B 61 -7.36 26.82 9.33
N TYR B 62 -6.14 27.33 9.14
CA TYR B 62 -5.81 28.19 7.97
C TYR B 62 -6.19 27.61 6.60
N ARG B 63 -5.72 26.40 6.30
CA ARG B 63 -5.95 25.77 5.00
C ARG B 63 -7.43 25.66 4.63
N GLY B 64 -8.22 25.14 5.56
CA GLY B 64 -9.65 25.05 5.34
C GLY B 64 -10.29 26.42 5.21
N ARG B 65 -9.91 27.32 6.13
CA ARG B 65 -10.47 28.68 6.17
C ARG B 65 -10.19 29.49 4.91
N GLN B 66 -9.04 29.23 4.31
CA GLN B 66 -8.69 29.87 3.07
C GLN B 66 -9.57 29.42 1.90
N ALA B 67 -9.88 28.12 1.87
CA ALA B 67 -10.81 27.61 0.89
C ALA B 67 -12.21 28.13 1.18
N LEU B 68 -12.60 28.12 2.44
CA LEU B 68 -13.91 28.62 2.79
C LEU B 68 -14.02 30.09 2.38
N LYS B 69 -12.95 30.85 2.58
CA LYS B 69 -12.89 32.28 2.23
C LYS B 69 -13.17 32.42 0.75
N ALA B 70 -12.45 31.64 -0.06
CA ALA B 70 -12.59 31.65 -1.52
C ALA B 70 -14.01 31.59 -2.00
N VAL B 71 -14.90 30.96 -1.23
CA VAL B 71 -16.30 30.76 -1.63
C VAL B 71 -17.30 31.62 -0.82
N GLY B 72 -16.80 32.59 -0.06
CA GLY B 72 -17.64 33.50 0.69
C GLY B 72 -18.30 32.96 1.95
N LEU B 73 -17.74 31.87 2.50
CA LEU B 73 -18.35 31.18 3.64
C LEU B 73 -17.46 31.07 4.89
N GLU B 74 -16.32 31.73 4.91
CA GLU B 74 -15.44 31.66 6.07
C GLU B 74 -16.19 32.16 7.29
N ASP B 75 -16.72 33.37 7.14
CA ASP B 75 -17.35 34.09 8.24
C ASP B 75 -18.52 33.29 8.77
N GLN B 76 -19.39 32.78 7.91
CA GLN B 76 -20.51 31.97 8.36
C GLN B 76 -20.08 30.80 9.27
N ILE B 77 -19.00 30.14 8.89
CA ILE B 77 -18.55 28.95 9.57
C ILE B 77 -17.83 29.35 10.85
N VAL B 78 -17.07 30.43 10.79
CA VAL B 78 -16.20 30.85 11.90
C VAL B 78 -17.04 31.41 13.06
N SER B 79 -18.19 31.95 12.74
CA SER B 79 -19.14 32.45 13.73
C SER B 79 -19.64 31.34 14.66
N LYS B 80 -19.81 30.13 14.12
CA LYS B 80 -20.39 29.02 14.89
C LYS B 80 -19.35 28.09 15.56
N GLY B 81 -18.10 28.53 15.63
CA GLY B 81 -17.06 27.72 16.24
C GLY B 81 -16.38 28.37 17.41
N VAL B 82 -15.78 27.54 18.25
CA VAL B 82 -15.12 28.03 19.47
C VAL B 82 -13.63 28.05 19.18
N PRO B 83 -13.02 29.22 19.28
CA PRO B 83 -11.57 29.32 19.21
C PRO B 83 -10.85 28.48 20.24
N MET B 84 -9.84 27.73 19.83
CA MET B 84 -8.96 27.02 20.74
C MET B 84 -7.64 27.72 20.59
N LYS B 85 -7.30 28.53 21.58
CA LYS B 85 -6.09 29.37 21.48
C LYS B 85 -4.86 28.63 22.01
N ALA B 86 -5.04 27.48 22.65
CA ALA B 86 -3.89 26.75 23.20
C ALA B 86 -4.18 25.29 23.36
N ARG B 87 -3.11 24.53 23.54
CA ARG B 87 -3.25 23.16 23.96
C ARG B 87 -3.34 23.25 25.44
N MET B 88 -4.05 22.28 26.02
CA MET B 88 -4.12 22.12 27.46
C MET B 88 -3.89 20.66 27.78
N ILE B 89 -2.83 20.38 28.53
CA ILE B 89 -2.37 18.99 28.64
C ILE B 89 -2.64 18.44 30.01
N HIS B 90 -3.44 17.38 30.05
CA HIS B 90 -3.88 16.78 31.31
C HIS B 90 -2.90 15.65 31.64
N SER B 91 -2.03 15.89 32.62
CA SER B 91 -1.08 14.86 33.08
C SER B 91 -1.76 13.94 34.07
N LEU B 92 -1.25 12.72 34.24
CA LEU B 92 -1.92 11.68 35.07
C LEU B 92 -2.15 12.11 36.54
N SER B 93 -1.20 12.91 37.04
CA SER B 93 -1.22 13.44 38.41
C SER B 93 -2.30 14.50 38.70
N GLY B 94 -2.92 15.03 37.66
CA GLY B 94 -3.90 16.12 37.80
C GLY B 94 -3.40 17.41 37.22
N LYS B 95 -2.09 17.47 36.93
CA LYS B 95 -1.50 18.71 36.45
C LYS B 95 -2.03 19.04 35.07
N LYS B 96 -2.16 20.34 34.80
CA LYS B 96 -2.82 20.83 33.61
C LYS B 96 -1.96 21.93 33.06
N SER B 97 -1.08 21.64 32.11
CA SER B 97 -0.19 22.69 31.51
C SER B 97 -0.76 23.22 30.20
N ALA B 98 -0.89 24.53 30.05
CA ALA B 98 -1.37 25.11 28.80
C ALA B 98 -0.20 25.59 27.99
N ILE B 99 -0.02 25.06 26.78
CA ILE B 99 0.97 25.59 25.82
C ILE B 99 0.21 26.36 24.76
N PRO B 100 0.57 27.60 24.49
CA PRO B 100 -0.23 28.34 23.49
C PRO B 100 -0.02 27.82 22.07
N TYR B 101 -0.95 28.10 21.15
CA TYR B 101 -0.69 27.97 19.70
C TYR B 101 0.09 29.21 19.30
N GLY B 102 0.96 29.10 18.32
CA GLY B 102 2.17 29.93 18.23
C GLY B 102 2.18 31.44 18.49
N ASN B 103 1.04 32.10 18.36
CA ASN B 103 0.97 33.53 18.13
C ASN B 103 -0.42 33.94 18.62
N LYS B 104 -0.65 35.21 18.93
CA LYS B 104 -1.98 35.60 19.42
C LYS B 104 -2.99 35.62 18.27
N SER B 105 -2.55 35.90 17.04
CA SER B 105 -3.44 35.84 15.85
C SER B 105 -3.75 34.41 15.45
N GLN B 106 -2.82 33.49 15.71
CA GLN B 106 -2.92 32.09 15.27
C GLN B 106 -3.57 31.15 16.30
N TYR B 107 -4.81 30.78 15.99
CA TYR B 107 -5.53 29.78 16.73
C TYR B 107 -6.24 28.79 15.79
N ILE B 108 -6.47 27.59 16.28
CA ILE B 108 -7.29 26.59 15.57
C ILE B 108 -8.68 26.70 16.17
N LEU B 109 -9.75 26.41 15.42
CA LEU B 109 -11.06 26.48 16.05
C LEU B 109 -11.99 25.30 15.86
N SER B 110 -12.75 25.03 16.94
CA SER B 110 -13.64 23.88 17.01
C SER B 110 -14.97 24.19 16.36
N ILE B 111 -15.38 23.31 15.43
CA ILE B 111 -16.71 23.43 14.74
C ILE B 111 -17.40 22.07 14.72
N SER B 112 -18.69 22.02 14.40
CA SER B 112 -19.36 20.71 14.23
C SER B 112 -19.34 20.25 12.77
N ARG B 113 -18.97 18.98 12.59
CA ARG B 113 -19.06 18.27 11.31
C ARG B 113 -20.43 18.61 10.66
N GLU B 114 -21.49 18.45 11.46
CA GLU B 114 -22.85 18.64 11.00
C GLU B 114 -23.17 20.04 10.60
N LYS B 115 -23.04 21.01 11.50
CA LYS B 115 -23.30 22.42 11.16
C LYS B 115 -22.51 22.83 9.92
N LEU B 116 -21.21 22.50 9.92
CA LEU B 116 -20.39 22.73 8.72
C LEU B 116 -21.03 22.10 7.46
N ASN B 117 -21.41 20.83 7.55
CA ASN B 117 -22.03 20.14 6.40
C ASN B 117 -23.36 20.80 5.97
N LYS B 118 -24.16 21.25 6.93
CA LYS B 118 -25.46 21.87 6.63
C LYS B 118 -25.31 23.23 5.93
N ASP B 119 -24.39 24.06 6.43
CA ASP B 119 -24.18 25.38 5.83
C ASP B 119 -23.65 25.24 4.42
N LEU B 120 -22.80 24.24 4.17
CA LEU B 120 -22.28 23.99 2.82
C LEU B 120 -23.36 23.43 1.90
N LEU B 121 -24.18 22.49 2.38
CA LEU B 121 -25.32 22.06 1.56
C LEU B 121 -26.16 23.28 1.16
N THR B 122 -26.56 24.06 2.16
CA THR B 122 -27.35 25.26 1.89
C THR B 122 -26.65 26.23 0.92
N ALA B 123 -25.37 26.47 1.12
CA ALA B 123 -24.61 27.33 0.19
C ALA B 123 -24.57 26.73 -1.23
N VAL B 124 -24.45 25.40 -1.36
CA VAL B 124 -24.53 24.75 -2.67
C VAL B 124 -25.83 25.13 -3.37
N GLU B 125 -26.94 25.02 -2.63
CA GLU B 125 -28.28 25.40 -3.12
C GLU B 125 -28.46 26.92 -3.35
N SER B 126 -27.78 27.77 -2.58
CA SER B 126 -27.71 29.20 -2.90
C SER B 126 -27.45 29.55 -4.38
N TYR B 127 -26.72 28.70 -5.12
CA TYR B 127 -26.45 28.91 -6.55
C TYR B 127 -27.56 28.29 -7.43
N PRO B 128 -28.11 29.06 -8.40
CA PRO B 128 -29.25 28.59 -9.22
C PRO B 128 -28.89 27.43 -10.15
N ASN B 129 -27.67 27.50 -10.68
CA ASN B 129 -27.07 26.45 -11.50
C ASN B 129 -26.58 25.19 -10.73
N ALA B 130 -26.92 25.05 -9.45
CA ALA B 130 -26.58 23.85 -8.71
C ALA B 130 -27.85 23.15 -8.17
N LYS B 131 -27.77 21.82 -8.08
CA LYS B 131 -28.80 21.05 -7.42
C LYS B 131 -28.06 20.01 -6.62
N VAL B 132 -28.64 19.61 -5.50
CA VAL B 132 -28.11 18.47 -4.75
C VAL B 132 -29.25 17.45 -4.68
N HIS B 133 -28.90 16.18 -4.78
CA HIS B 133 -29.87 15.10 -5.00
C HIS B 133 -29.72 14.10 -3.90
N PHE B 134 -30.48 14.29 -2.83
CA PHE B 134 -30.35 13.46 -1.64
C PHE B 134 -30.97 12.09 -1.84
N GLY B 135 -30.49 11.12 -1.08
CA GLY B 135 -31.01 9.77 -1.15
C GLY B 135 -30.72 9.10 -2.47
N HIS B 136 -29.71 9.62 -3.17
CA HIS B 136 -29.22 9.10 -4.43
C HIS B 136 -27.84 8.56 -4.16
N LYS B 137 -27.64 7.29 -4.51
CA LYS B 137 -26.40 6.56 -4.33
C LYS B 137 -25.91 6.25 -5.73
N LEU B 138 -24.70 5.74 -5.81
CA LEU B 138 -24.06 5.40 -7.06
C LEU B 138 -23.73 3.89 -7.12
N SER B 139 -23.88 3.26 -8.29
CA SER B 139 -23.39 1.88 -8.47
C SER B 139 -22.07 1.78 -9.27
N LYS B 140 -22.13 2.20 -10.53
CA LYS B 140 -21.04 2.04 -11.51
C LYS B 140 -20.93 3.34 -12.28
N CYS B 141 -19.71 3.64 -12.77
CA CYS B 141 -19.46 4.81 -13.62
C CYS B 141 -18.68 4.44 -14.89
N CYS B 142 -18.38 5.44 -15.74
CA CYS B 142 -17.56 5.23 -16.95
C CYS B 142 -17.00 6.57 -17.51
N PRO B 143 -15.85 6.53 -18.24
CA PRO B 143 -15.38 7.68 -19.03
C PRO B 143 -15.76 7.59 -20.52
N GLY B 146 -21.19 8.20 -18.68
CA GLY B 146 -22.39 7.44 -18.35
C GLY B 146 -22.21 6.74 -17.02
N ILE B 147 -22.92 7.21 -15.99
CA ILE B 147 -22.88 6.65 -14.62
C ILE B 147 -24.28 6.21 -14.16
N LEU B 148 -24.32 5.27 -13.21
CA LEU B 148 -25.56 4.62 -12.76
C LEU B 148 -25.90 4.93 -11.29
N THR B 149 -26.60 6.07 -11.10
CA THR B 149 -26.99 6.57 -9.75
C THR B 149 -28.37 5.96 -9.36
N MET B 150 -28.54 5.52 -8.10
CA MET B 150 -29.87 5.01 -7.63
C MET B 150 -30.86 6.12 -7.24
N LEU B 151 -32.15 5.89 -7.47
CA LEU B 151 -33.23 6.86 -7.12
C LEU B 151 -33.56 6.65 -5.63
N GLY B 152 -34.36 7.55 -5.07
CA GLY B 152 -35.07 7.34 -3.80
C GLY B 152 -35.62 5.93 -3.58
N PRO B 153 -36.23 5.29 -4.60
CA PRO B 153 -36.46 3.83 -4.56
C PRO B 153 -35.27 2.97 -5.08
N ASN B 154 -34.73 2.14 -4.17
CA ASN B 154 -33.76 1.08 -4.50
C ASN B 154 -34.21 0.31 -5.72
N LYS B 155 -33.25 -0.20 -6.48
CA LYS B 155 -33.49 -0.74 -7.82
C LYS B 155 -34.32 0.23 -8.71
N VAL B 156 -33.91 1.51 -8.78
CA VAL B 156 -34.32 2.39 -9.90
C VAL B 156 -33.08 2.92 -10.66
N PRO B 157 -32.29 2.01 -11.27
CA PRO B 157 -30.99 2.41 -11.83
C PRO B 157 -31.07 3.24 -13.13
N ARG B 158 -31.36 4.53 -12.99
CA ARG B 158 -31.39 5.42 -14.16
C ARG B 158 -29.95 5.83 -14.48
N ASP B 159 -29.58 5.80 -15.76
CA ASP B 159 -28.26 6.29 -16.18
C ASP B 159 -28.24 7.81 -16.12
N ILE B 160 -27.02 8.37 -16.09
CA ILE B 160 -26.86 9.81 -16.23
C ILE B 160 -25.47 10.15 -16.74
N THR B 161 -25.36 11.21 -17.54
CA THR B 161 -24.09 11.62 -18.20
C THR B 161 -23.59 13.00 -17.76
N CYS B 162 -22.29 13.25 -17.99
CA CYS B 162 -21.64 14.53 -17.63
C CYS B 162 -20.25 14.70 -18.19
N ASP B 163 -19.82 15.95 -18.31
CA ASP B 163 -18.43 16.29 -18.71
C ASP B 163 -17.37 16.08 -17.63
N LEU B 164 -17.78 15.98 -16.37
CA LEU B 164 -16.86 15.77 -15.22
C LEU B 164 -17.57 15.02 -14.11
N ILE B 165 -16.86 14.08 -13.52
CA ILE B 165 -17.37 13.38 -12.36
C ILE B 165 -16.32 13.57 -11.27
N VAL B 166 -16.73 14.17 -10.16
CA VAL B 166 -15.83 14.48 -9.06
C VAL B 166 -16.18 13.56 -7.89
N GLY B 167 -15.25 12.65 -7.61
CA GLY B 167 -15.42 11.68 -6.53
C GLY B 167 -15.16 12.33 -5.18
N CYS B 168 -16.23 12.75 -4.48
CA CYS B 168 -16.10 13.23 -3.12
C CYS B 168 -16.88 12.36 -2.16
N ASP B 169 -16.71 11.04 -2.28
CA ASP B 169 -17.58 10.06 -1.62
C ASP B 169 -16.89 9.37 -0.45
N GLY B 170 -15.83 10.00 0.06
CA GLY B 170 -15.25 9.59 1.32
C GLY B 170 -14.22 8.48 1.29
N ALA B 171 -13.78 8.10 2.47
CA ALA B 171 -12.71 7.13 2.63
C ALA B 171 -13.00 5.81 1.96
N TYR B 172 -14.26 5.39 1.91
CA TYR B 172 -14.71 4.17 1.23
C TYR B 172 -15.47 4.67 0.01
N SER B 173 -14.75 4.89 -1.09
CA SER B 173 -15.24 5.72 -2.19
C SER B 173 -15.55 4.81 -3.30
N THR B 174 -16.78 4.86 -3.79
CA THR B 174 -17.19 4.10 -4.96
C THR B 174 -16.40 4.48 -6.23
N VAL B 175 -16.38 5.77 -6.53
CA VAL B 175 -15.69 6.27 -7.71
C VAL B 175 -14.25 5.78 -7.76
N ARG B 176 -13.55 5.84 -6.62
CA ARG B 176 -12.16 5.35 -6.52
C ARG B 176 -12.02 3.85 -6.75
N ALA B 177 -13.06 3.10 -6.38
CA ALA B 177 -13.09 1.67 -6.67
C ALA B 177 -13.01 1.39 -8.17
N HIS B 178 -13.53 2.29 -8.98
CA HIS B 178 -13.45 2.15 -10.43
C HIS B 178 -12.05 2.54 -10.93
N LEU B 179 -11.58 3.72 -10.60
CA LEU B 179 -10.19 4.07 -10.87
C LEU B 179 -9.21 3.01 -10.47
N MET B 180 -9.48 2.33 -9.35
CA MET B 180 -8.55 1.29 -8.86
C MET B 180 -8.30 0.20 -9.90
N LYS B 181 -9.32 -0.07 -10.74
CA LYS B 181 -9.28 -1.15 -11.74
C LYS B 181 -8.36 -0.84 -12.93
N LYS B 182 -8.32 0.44 -13.28
CA LYS B 182 -7.48 1.00 -14.35
C LYS B 182 -5.98 0.73 -14.18
N PRO B 183 -5.21 0.99 -15.25
CA PRO B 183 -3.81 0.65 -15.25
C PRO B 183 -2.94 1.79 -14.74
N ARG B 184 -1.80 1.43 -14.17
CA ARG B 184 -0.82 2.39 -13.67
C ARG B 184 -1.34 3.12 -12.40
N PHE B 185 -2.34 2.54 -11.73
CA PHE B 185 -2.99 3.15 -10.58
C PHE B 185 -2.50 2.50 -9.30
N ASP B 186 -1.70 3.25 -8.55
CA ASP B 186 -1.24 2.85 -7.23
C ASP B 186 -2.30 3.18 -6.18
N TYR B 187 -2.52 2.24 -5.28
CA TYR B 187 -3.51 2.35 -4.24
C TYR B 187 -3.06 1.52 -3.07
N SER B 188 -3.38 1.98 -1.85
CA SER B 188 -3.14 1.24 -0.60
C SER B 188 -4.14 1.66 0.47
N GLN B 189 -4.63 0.64 1.18
CA GLN B 189 -5.45 0.76 2.38
C GLN B 189 -4.81 0.03 3.60
N GLN B 190 -4.82 0.70 4.75
CA GLN B 190 -4.29 0.12 5.98
C GLN B 190 -5.14 0.56 7.15
N TYR B 191 -5.81 -0.38 7.81
CA TYR B 191 -6.53 -0.07 9.03
C TYR B 191 -5.52 -0.18 10.14
N ILE B 192 -5.33 0.90 10.89
CA ILE B 192 -4.44 0.93 12.07
C ILE B 192 -5.12 0.19 13.23
N PRO B 193 -4.34 -0.22 14.26
CA PRO B 193 -4.88 -1.04 15.39
C PRO B 193 -5.98 -0.38 16.22
N HIS B 194 -5.83 0.92 16.45
CA HIS B 194 -6.75 1.70 17.26
C HIS B 194 -8.01 2.04 16.53
N GLY B 195 -9.11 1.95 17.23
CA GLY B 195 -10.36 2.60 16.84
C GLY B 195 -10.64 3.79 17.74
N TYR B 196 -11.82 4.37 17.59
CA TYR B 196 -12.13 5.58 18.30
C TYR B 196 -13.58 5.60 18.71
N MET B 197 -13.84 6.36 19.78
CA MET B 197 -15.16 6.47 20.40
C MET B 197 -15.42 7.89 20.88
N GLU B 198 -16.62 8.42 20.61
CA GLU B 198 -16.96 9.79 21.02
C GLU B 198 -17.57 9.78 22.40
N LEU B 199 -17.08 10.64 23.28
CA LEU B 199 -17.69 10.85 24.61
C LEU B 199 -17.86 12.33 24.85
N THR B 200 -18.70 12.67 25.80
CA THR B 200 -19.09 14.06 25.95
C THR B 200 -18.86 14.51 27.37
N ILE B 201 -18.18 15.64 27.53
CA ILE B 201 -18.10 16.32 28.81
C ILE B 201 -19.21 17.39 28.78
N PRO B 202 -20.25 17.22 29.63
CA PRO B 202 -21.31 18.22 29.68
C PRO B 202 -20.92 19.55 30.30
N PRO B 203 -21.90 20.46 30.39
CA PRO B 203 -21.67 21.67 31.17
C PRO B 203 -21.89 21.40 32.64
N LYS B 204 -21.10 22.04 33.51
CA LYS B 204 -21.25 21.92 34.96
C LYS B 204 -21.86 23.22 35.47
N ASN B 205 -23.05 23.15 36.05
CA ASN B 205 -23.73 24.36 36.55
C ASN B 205 -23.96 25.39 35.44
N GLY B 206 -24.15 24.91 34.21
CA GLY B 206 -24.42 25.78 33.08
C GLY B 206 -23.20 26.39 32.41
N GLU B 207 -22.02 26.21 33.01
CA GLU B 207 -20.76 26.64 32.40
C GLU B 207 -19.93 25.49 31.84
N TYR B 208 -18.95 25.86 31.00
CA TYR B 208 -17.93 24.94 30.49
C TYR B 208 -17.18 24.29 31.65
N ALA B 209 -17.05 22.96 31.64
CA ALA B 209 -16.41 22.28 32.77
C ALA B 209 -14.89 22.42 32.80
N MET B 210 -14.29 22.99 31.76
CA MET B 210 -12.81 23.22 31.66
C MET B 210 -12.55 24.49 30.82
N GLU B 211 -11.30 24.80 30.58
CA GLU B 211 -10.96 26.03 29.88
C GLU B 211 -11.47 25.98 28.44
N PRO B 212 -12.50 26.75 28.14
CA PRO B 212 -13.21 26.48 26.90
C PRO B 212 -12.44 26.76 25.62
N ASN B 213 -11.32 27.48 25.68
CA ASN B 213 -10.58 27.86 24.49
C ASN B 213 -9.23 27.16 24.36
N CYS B 214 -9.24 25.90 24.78
CA CYS B 214 -8.14 24.99 24.54
C CYS B 214 -8.53 23.74 23.76
N LEU B 215 -7.53 23.13 23.12
CA LEU B 215 -7.61 21.75 22.67
C LEU B 215 -7.11 20.99 23.86
N HIS B 216 -7.94 20.14 24.42
CA HIS B 216 -7.57 19.42 25.60
C HIS B 216 -7.01 18.09 25.23
N ILE B 217 -5.82 17.80 25.76
CA ILE B 217 -5.15 16.54 25.43
C ILE B 217 -4.78 15.75 26.69
N TRP B 218 -5.22 14.49 26.72
CA TRP B 218 -4.77 13.51 27.72
C TRP B 218 -3.94 12.46 26.96
N PRO B 219 -2.60 12.64 26.90
CA PRO B 219 -1.80 11.67 26.18
C PRO B 219 -1.24 10.54 27.03
N ARG B 220 -2.03 9.48 27.29
CA ARG B 220 -1.42 8.21 27.65
C ARG B 220 -0.89 7.67 26.31
N ASN B 221 -0.30 6.49 26.31
CA ASN B 221 0.38 6.02 25.11
C ASN B 221 -0.50 5.07 24.30
N ALA B 222 -0.76 3.91 24.89
CA ALA B 222 -1.70 2.95 24.35
C ALA B 222 -3.13 3.46 24.34
N PHE B 223 -3.41 4.51 25.13
CA PHE B 223 -4.71 5.19 25.18
C PHE B 223 -4.47 6.65 25.01
N MET B 224 -5.30 7.31 24.21
CA MET B 224 -5.24 8.77 24.13
C MET B 224 -6.64 9.32 24.03
N MET B 225 -6.74 10.61 24.34
CA MET B 225 -8.02 11.32 24.39
C MET B 225 -7.77 12.80 24.21
N ILE B 226 -8.69 13.41 23.49
CA ILE B 226 -8.69 14.84 23.28
C ILE B 226 -10.11 15.32 23.56
N ALA B 227 -10.26 16.62 23.77
CA ALA B 227 -11.60 17.21 23.88
C ALA B 227 -11.64 18.56 23.24
N LEU B 228 -12.76 18.86 22.59
CA LEU B 228 -12.95 20.12 21.82
C LEU B 228 -14.27 20.71 22.24
N PRO B 229 -14.29 22.03 22.53
CA PRO B 229 -15.50 22.72 22.97
C PRO B 229 -16.54 22.83 21.90
N ASN B 230 -17.79 22.71 22.28
CA ASN B 230 -18.90 23.12 21.41
C ASN B 230 -19.44 24.47 21.92
N MET B 231 -20.49 25.00 21.31
CA MET B 231 -21.00 26.31 21.72
C MET B 231 -22.03 26.30 22.85
N ASP B 232 -22.89 25.27 22.92
CA ASP B 232 -23.53 24.93 24.21
C ASP B 232 -22.33 24.64 25.11
N LYS B 233 -22.46 24.49 26.41
CA LYS B 233 -21.20 24.68 27.15
C LYS B 233 -20.43 23.38 27.44
N SER B 234 -20.44 22.50 26.44
CA SER B 234 -19.89 21.15 26.54
C SER B 234 -18.62 21.01 25.73
N PHE B 235 -17.99 19.89 25.96
CA PHE B 235 -16.93 19.44 25.11
C PHE B 235 -17.34 18.13 24.56
N THR B 236 -16.98 17.89 23.28
CA THR B 236 -16.97 16.53 22.79
C THR B 236 -15.57 15.99 22.79
N CYS B 237 -15.44 14.78 23.32
CA CYS B 237 -14.19 14.03 23.38
C CYS B 237 -14.15 12.92 22.34
N THR B 238 -12.95 12.70 21.80
CA THR B 238 -12.70 11.44 21.11
C THR B 238 -11.68 10.67 21.97
N LEU B 239 -11.98 9.39 22.20
CA LEU B 239 -11.08 8.44 22.88
C LEU B 239 -10.49 7.48 21.84
N PHE B 240 -9.18 7.46 21.75
CA PHE B 240 -8.46 6.47 20.97
C PHE B 240 -7.83 5.39 21.83
N MET B 241 -8.17 4.14 21.52
CA MET B 241 -7.42 3.01 22.03
C MET B 241 -7.49 1.82 21.06
N SER B 242 -6.49 0.93 21.19
CA SER B 242 -6.45 -0.34 20.47
C SER B 242 -7.75 -1.08 20.62
N PHE B 243 -8.32 -1.52 19.51
CA PHE B 243 -9.51 -2.39 19.55
C PHE B 243 -9.37 -3.53 20.56
N GLU B 244 -8.13 -3.91 20.86
CA GLU B 244 -7.85 -4.97 21.82
C GLU B 244 -8.46 -4.51 23.15
N GLU B 245 -7.98 -3.36 23.64
CA GLU B 245 -8.44 -2.84 24.95
C GLU B 245 -9.92 -2.60 25.06
N PHE B 246 -10.49 -2.00 24.02
CA PHE B 246 -11.94 -1.89 23.87
C PHE B 246 -12.65 -3.21 24.16
N GLU B 247 -12.10 -4.33 23.69
CA GLU B 247 -12.72 -5.64 23.96
C GLU B 247 -12.72 -5.98 25.46
N LYS B 248 -11.67 -5.55 26.18
CA LYS B 248 -11.52 -5.83 27.62
C LYS B 248 -12.37 -4.96 28.58
N LEU B 249 -13.31 -4.15 28.06
CA LEU B 249 -14.17 -3.28 28.88
C LEU B 249 -15.65 -3.48 28.52
N PRO B 250 -16.18 -4.69 28.78
CA PRO B 250 -17.56 -4.98 28.39
C PRO B 250 -18.62 -4.46 29.34
N THR B 251 -18.27 -4.27 30.62
CA THR B 251 -19.21 -3.81 31.68
C THR B 251 -18.96 -2.38 32.11
N HIS B 252 -20.03 -1.71 32.56
CA HIS B 252 -19.89 -0.37 33.15
C HIS B 252 -18.72 -0.36 34.13
N SER B 253 -18.68 -1.35 35.03
CA SER B 253 -17.60 -1.46 36.02
C SER B 253 -16.20 -1.37 35.39
N ASP B 254 -16.01 -2.07 34.28
CA ASP B 254 -14.71 -2.09 33.67
C ASP B 254 -14.35 -0.75 33.10
N VAL B 255 -15.31 -0.08 32.49
CA VAL B 255 -15.07 1.25 31.89
C VAL B 255 -14.69 2.26 32.98
N LEU B 256 -15.44 2.25 34.08
CA LEU B 256 -15.16 3.07 35.24
C LEU B 256 -13.78 2.75 35.79
N ASP B 257 -13.51 1.46 36.00
CA ASP B 257 -12.23 1.01 36.55
C ASP B 257 -11.05 1.38 35.66
N PHE B 258 -11.26 1.34 34.35
CA PHE B 258 -10.29 1.78 33.34
C PHE B 258 -10.04 3.27 33.46
N PHE B 259 -11.16 4.01 33.44
CA PHE B 259 -11.13 5.46 33.49
C PHE B 259 -10.43 5.98 34.73
N GLN B 260 -10.72 5.32 35.87
CA GLN B 260 -10.00 5.55 37.13
C GLN B 260 -8.50 5.36 36.97
N LYS B 261 -8.08 4.33 36.21
CA LYS B 261 -6.64 4.08 35.98
C LYS B 261 -5.99 5.11 35.07
N ASN B 262 -6.56 5.31 33.88
CA ASN B 262 -5.86 6.08 32.85
C ASN B 262 -6.28 7.54 32.75
N PHE B 263 -7.56 7.82 32.94
CA PHE B 263 -8.05 9.20 32.79
C PHE B 263 -8.86 9.54 34.04
N PRO B 264 -8.16 9.80 35.16
CA PRO B 264 -8.84 9.87 36.44
C PRO B 264 -9.68 11.14 36.60
N ASP B 265 -9.18 12.28 36.14
CA ASP B 265 -9.94 13.53 36.18
C ASP B 265 -11.16 13.53 35.30
N ALA B 266 -11.23 12.64 34.33
CA ALA B 266 -12.40 12.59 33.47
C ALA B 266 -13.67 12.24 34.25
N ILE B 267 -13.64 11.19 35.07
CA ILE B 267 -14.90 10.72 35.75
C ILE B 267 -15.75 11.83 36.44
N PRO B 268 -15.09 12.83 37.09
CA PRO B 268 -15.81 14.05 37.45
C PRO B 268 -16.22 14.89 36.24
N LEU B 269 -15.25 15.34 35.42
CA LEU B 269 -15.51 16.15 34.21
C LEU B 269 -16.67 15.64 33.36
N MET B 270 -16.60 14.36 33.02
CA MET B 270 -17.64 13.67 32.26
C MET B 270 -18.73 13.29 33.19
N GLY B 271 -19.95 13.28 32.67
CA GLY B 271 -21.03 12.67 33.41
C GLY B 271 -20.51 11.33 33.93
N GLU B 272 -20.38 11.25 35.25
CA GLU B 272 -20.10 9.98 35.93
C GLU B 272 -20.85 8.77 35.32
N GLN B 273 -22.05 8.97 34.79
CA GLN B 273 -22.77 7.92 34.07
C GLN B 273 -23.36 8.36 32.71
N ALA B 274 -23.25 9.62 32.32
CA ALA B 274 -23.16 9.97 30.87
C ALA B 274 -22.02 9.21 30.14
N LEU B 275 -20.85 9.07 30.80
CA LEU B 275 -19.78 8.19 30.29
C LEU B 275 -20.30 6.81 29.93
N MET B 276 -21.04 6.22 30.84
CA MET B 276 -21.66 4.94 30.56
C MET B 276 -22.65 4.97 29.39
N ARG B 277 -23.54 5.96 29.33
CA ARG B 277 -24.48 6.06 28.21
C ARG B 277 -23.69 6.12 26.92
N ASP B 278 -22.70 7.01 26.87
CA ASP B 278 -21.99 7.28 25.62
C ASP B 278 -20.99 6.18 25.20
N PHE B 279 -20.29 5.57 26.14
CA PHE B 279 -19.35 4.51 25.79
C PHE B 279 -20.01 3.28 25.18
N PHE B 280 -21.21 2.95 25.63
CA PHE B 280 -21.94 1.76 25.15
C PHE B 280 -22.99 2.07 24.13
N LEU B 281 -23.00 3.30 23.63
CA LEU B 281 -24.01 3.80 22.65
C LEU B 281 -23.88 3.10 21.29
N LEU B 282 -22.62 2.90 20.87
CA LEU B 282 -22.30 2.15 19.65
C LEU B 282 -20.78 1.92 19.58
N PRO B 283 -20.35 0.90 18.81
CA PRO B 283 -18.98 0.38 18.97
C PRO B 283 -17.86 1.24 18.42
N ALA B 284 -16.66 0.95 18.89
CA ALA B 284 -15.48 1.70 18.49
C ALA B 284 -15.39 1.66 16.98
N GLN B 285 -15.08 2.81 16.38
CA GLN B 285 -15.03 2.89 14.94
C GLN B 285 -13.59 2.78 14.49
N PRO B 286 -13.35 2.13 13.33
CA PRO B 286 -11.97 1.89 12.88
C PRO B 286 -11.42 3.08 12.13
N MET B 287 -10.11 3.24 12.17
CA MET B 287 -9.47 4.31 11.44
C MET B 287 -8.67 3.67 10.32
N ILE B 288 -8.77 4.25 9.13
CA ILE B 288 -8.26 3.65 7.93
C ILE B 288 -7.41 4.68 7.24
N SER B 289 -6.18 4.30 6.87
CA SER B 289 -5.38 5.14 6.00
C SER B 289 -5.48 4.65 4.57
N VAL B 290 -5.88 5.53 3.64
CA VAL B 290 -5.76 5.18 2.23
C VAL B 290 -4.98 6.21 1.49
N LYS B 291 -4.17 5.67 0.59
CA LYS B 291 -3.28 6.47 -0.27
C LYS B 291 -3.41 5.98 -1.68
N CYS B 292 -3.47 6.88 -2.65
CA CYS B 292 -3.46 6.45 -4.03
C CYS B 292 -2.89 7.48 -4.97
N SER B 293 -2.60 7.02 -6.18
CA SER B 293 -2.01 7.86 -7.22
C SER B 293 -2.23 7.21 -8.56
N PRO B 294 -2.65 7.97 -9.56
CA PRO B 294 -2.89 9.40 -9.49
C PRO B 294 -4.34 9.71 -9.05
N PHE B 295 -4.69 11.01 -8.96
CA PHE B 295 -6.02 11.43 -8.52
C PHE B 295 -7.03 11.63 -9.65
N HIS B 296 -6.63 11.35 -10.89
CA HIS B 296 -7.50 11.59 -12.01
C HIS B 296 -7.45 10.50 -13.06
N LEU B 297 -8.49 10.54 -13.89
CA LEU B 297 -8.58 9.72 -15.08
C LEU B 297 -8.89 10.60 -16.28
N LYS B 298 -7.80 10.96 -16.99
CA LYS B 298 -7.80 11.58 -18.32
C LYS B 298 -8.98 12.51 -18.57
N SER B 299 -9.06 13.57 -17.77
CA SER B 299 -9.91 14.75 -18.02
C SER B 299 -11.44 14.59 -17.90
N ARG B 300 -11.91 13.41 -17.51
CA ARG B 300 -13.32 13.14 -17.28
C ARG B 300 -13.62 12.88 -15.80
N CYS B 301 -12.60 12.67 -14.97
CA CYS B 301 -12.82 12.14 -13.61
C CYS B 301 -11.66 12.45 -12.65
N VAL B 302 -12.01 12.89 -11.44
CA VAL B 302 -11.04 13.36 -10.42
C VAL B 302 -11.53 13.08 -9.00
N LEU B 303 -10.60 12.64 -8.14
CA LEU B 303 -10.90 12.33 -6.74
C LEU B 303 -10.43 13.46 -5.81
N MET B 304 -11.26 13.79 -4.82
CA MET B 304 -10.91 14.81 -3.83
C MET B 304 -11.32 14.51 -2.40
N GLY B 305 -10.58 15.08 -1.48
CA GLY B 305 -10.84 14.85 -0.07
C GLY B 305 -10.48 13.43 0.26
N ASP B 306 -11.35 12.77 1.04
CA ASP B 306 -11.05 11.43 1.56
C ASP B 306 -11.09 10.33 0.50
N ALA B 307 -11.89 10.49 -0.55
CA ALA B 307 -11.79 9.58 -1.69
C ALA B 307 -10.35 9.47 -2.13
N ALA B 308 -9.65 10.60 -2.26
CA ALA B 308 -8.23 10.63 -2.63
C ALA B 308 -7.21 10.34 -1.49
N HIS B 309 -7.52 10.80 -0.25
CA HIS B 309 -6.59 10.58 0.90
C HIS B 309 -7.28 10.49 2.23
N ALA B 310 -7.53 9.27 2.73
CA ALA B 310 -8.04 9.14 4.10
C ALA B 310 -6.81 9.02 4.97
N ILE B 311 -6.64 10.01 5.84
CA ILE B 311 -5.54 10.03 6.77
C ILE B 311 -6.07 9.67 8.15
N VAL B 312 -5.22 9.09 8.98
CA VAL B 312 -5.56 8.81 10.37
C VAL B 312 -5.70 10.13 11.12
N PRO B 313 -6.75 10.26 11.97
CA PRO B 313 -7.10 11.56 12.50
C PRO B 313 -6.26 11.93 13.71
N PHE B 314 -4.96 12.21 13.48
CA PHE B 314 -3.98 12.63 14.52
C PHE B 314 -3.14 13.89 14.14
N PHE B 315 -3.68 14.75 13.27
CA PHE B 315 -3.16 16.11 13.09
C PHE B 315 -4.25 17.18 12.85
N GLY B 316 -5.52 16.78 12.96
CA GLY B 316 -6.63 17.69 12.71
C GLY B 316 -6.62 18.32 11.33
N GLN B 317 -6.08 17.59 10.35
CA GLN B 317 -5.86 18.13 9.03
C GLN B 317 -6.69 17.50 7.91
N GLY B 318 -7.58 16.54 8.21
CA GLY B 318 -8.18 15.74 7.16
C GLY B 318 -9.10 16.56 6.29
N MET B 319 -10.07 17.19 6.95
CA MET B 319 -10.98 18.10 6.31
C MET B 319 -10.20 19.26 5.70
N ASN B 320 -9.23 19.78 6.44
CA ASN B 320 -8.41 20.91 6.01
C ASN B 320 -7.70 20.70 4.66
N ALA B 321 -7.02 19.57 4.53
CA ALA B 321 -6.38 19.18 3.29
C ALA B 321 -7.39 19.02 2.17
N GLY B 322 -8.44 18.26 2.42
CA GLY B 322 -9.54 18.09 1.46
C GLY B 322 -10.14 19.40 0.96
N PHE B 323 -10.25 20.39 1.87
CA PHE B 323 -10.70 21.74 1.53
C PHE B 323 -9.64 22.46 0.71
N GLU B 324 -8.37 22.37 1.14
CA GLU B 324 -7.29 22.89 0.31
C GLU B 324 -7.31 22.26 -1.14
N ASP B 325 -7.64 20.96 -1.30
CA ASP B 325 -7.84 20.30 -2.63
C ASP B 325 -8.76 21.15 -3.51
N CYS B 326 -9.95 21.44 -2.99
CA CYS B 326 -10.95 22.28 -3.70
C CYS B 326 -10.43 23.64 -4.13
N LEU B 327 -9.63 24.26 -3.25
CA LEU B 327 -9.00 25.57 -3.48
C LEU B 327 -7.93 25.46 -4.58
N VAL B 328 -7.08 24.44 -4.48
CA VAL B 328 -6.01 24.21 -5.46
C VAL B 328 -6.59 23.87 -6.81
N PHE B 329 -7.69 23.13 -6.84
CA PHE B 329 -8.34 22.90 -8.12
C PHE B 329 -8.76 24.24 -8.72
N ASP B 330 -9.35 25.10 -7.89
CA ASP B 330 -9.87 26.40 -8.35
C ASP B 330 -8.74 27.24 -8.87
N GLU B 331 -7.64 27.28 -8.13
CA GLU B 331 -6.45 28.03 -8.56
C GLU B 331 -5.98 27.57 -9.96
N LEU B 332 -5.92 26.25 -10.15
CA LEU B 332 -5.56 25.69 -11.46
C LEU B 332 -6.58 26.06 -12.53
N MET B 333 -7.88 25.84 -12.29
CA MET B 333 -8.93 26.24 -13.27
C MET B 333 -8.84 27.74 -13.66
N ASP B 334 -8.41 28.58 -12.73
CA ASP B 334 -8.09 30.00 -13.04
C ASP B 334 -6.87 30.07 -13.93
N LYS B 335 -5.72 29.59 -13.41
CA LYS B 335 -4.48 29.60 -14.21
C LYS B 335 -4.71 29.14 -15.66
N PHE B 336 -5.39 28.01 -15.83
CA PHE B 336 -5.50 27.40 -17.13
C PHE B 336 -6.84 27.60 -17.79
N ASN B 337 -7.57 28.65 -17.46
CA ASN B 337 -8.83 28.99 -18.16
C ASN B 337 -9.83 27.84 -18.36
N ASN B 338 -10.05 27.11 -17.27
CA ASN B 338 -11.08 26.06 -17.17
C ASN B 338 -10.90 24.81 -18.03
N ASP B 339 -9.67 24.54 -18.43
CA ASP B 339 -9.35 23.39 -19.26
C ASP B 339 -9.12 22.24 -18.29
N LEU B 340 -10.10 21.36 -18.31
CA LEU B 340 -10.06 20.18 -17.49
C LEU B 340 -9.03 19.19 -18.03
N SER B 341 -8.61 19.25 -19.31
CA SER B 341 -7.54 18.36 -19.85
C SER B 341 -6.20 18.67 -19.25
N VAL B 342 -6.02 19.93 -18.90
CA VAL B 342 -4.85 20.43 -18.24
C VAL B 342 -5.00 20.30 -16.71
N CYS B 343 -6.13 20.77 -16.17
CA CYS B 343 -6.25 20.83 -14.69
C CYS B 343 -6.26 19.46 -13.99
N LEU B 344 -6.85 18.42 -14.59
CA LEU B 344 -6.94 17.13 -13.94
C LEU B 344 -5.53 16.58 -13.73
N PRO B 345 -4.69 16.48 -14.79
CA PRO B 345 -3.28 16.06 -14.56
C PRO B 345 -2.45 17.00 -13.68
N GLU B 346 -2.69 18.31 -13.80
CA GLU B 346 -1.94 19.28 -13.01
C GLU B 346 -2.28 19.19 -11.52
N PHE B 347 -3.54 18.93 -11.22
CA PHE B 347 -4.03 18.59 -9.88
C PHE B 347 -3.27 17.41 -9.30
N SER B 348 -3.28 16.29 -9.97
CA SER B 348 -2.52 15.12 -9.53
C SER B 348 -1.05 15.46 -9.36
N ARG B 349 -0.50 16.25 -10.27
CA ARG B 349 0.95 16.54 -10.26
C ARG B 349 1.33 17.39 -9.08
N PHE B 350 0.53 18.42 -8.86
CA PHE B 350 0.83 19.43 -7.86
C PHE B 350 0.41 19.01 -6.46
N ARG B 351 -0.72 18.30 -6.36
CA ARG B 351 -1.40 18.03 -5.07
C ARG B 351 -1.04 16.71 -4.40
N ILE B 352 -0.73 15.64 -5.18
CA ILE B 352 -0.37 14.33 -4.61
C ILE B 352 0.82 14.35 -3.63
N PRO B 353 1.91 15.06 -3.97
CA PRO B 353 3.05 15.14 -3.05
C PRO B 353 2.65 15.70 -1.70
N ASP B 354 1.90 16.81 -1.73
CA ASP B 354 1.37 17.46 -0.53
C ASP B 354 0.42 16.52 0.20
N ASP B 355 -0.65 16.08 -0.45
CA ASP B 355 -1.61 15.14 0.19
C ASP B 355 -1.04 13.80 0.67
N HIS B 356 0.08 13.34 0.12
CA HIS B 356 0.80 12.18 0.68
C HIS B 356 1.59 12.62 1.91
N ALA B 357 2.17 13.82 1.83
CA ALA B 357 2.97 14.35 2.94
C ALA B 357 2.18 14.47 4.24
N ILE B 358 0.96 15.02 4.14
CA ILE B 358 0.12 15.20 5.33
C ILE B 358 -0.41 13.86 5.85
N SER B 359 -0.71 12.96 4.91
CA SER B 359 -1.03 11.57 5.27
C SER B 359 0.10 11.03 6.12
N ASP B 360 1.33 11.18 5.64
CA ASP B 360 2.50 10.66 6.39
C ASP B 360 2.67 11.33 7.75
N LEU B 361 2.73 12.67 7.74
CA LEU B 361 2.78 13.48 9.00
C LEU B 361 1.79 12.98 10.03
N SER B 362 0.52 12.85 9.60
CA SER B 362 -0.55 12.25 10.42
C SER B 362 -0.22 10.90 11.04
N MET B 363 0.34 9.98 10.24
CA MET B 363 0.61 8.61 10.73
C MET B 363 1.82 8.60 11.68
N TYR B 364 2.86 9.36 11.28
CA TYR B 364 4.05 9.55 12.09
C TYR B 364 3.59 9.99 13.44
N ASN B 365 2.85 11.10 13.43
CA ASN B 365 2.29 11.66 14.66
C ASN B 365 1.62 10.57 15.51
N TYR B 366 0.75 9.79 14.88
CA TYR B 366 0.06 8.70 15.53
C TYR B 366 0.97 7.61 16.10
N ILE B 367 2.07 7.28 15.44
CA ILE B 367 2.99 6.26 16.00
C ILE B 367 3.74 6.89 17.17
N GLU B 368 4.29 8.07 16.93
CA GLU B 368 4.88 8.86 18.01
C GLU B 368 3.99 8.97 19.22
N MET B 369 2.68 9.11 19.05
CA MET B 369 1.82 9.23 20.21
C MET B 369 1.52 7.91 20.93
N ARG B 370 2.01 6.78 20.42
CA ARG B 370 1.94 5.53 21.16
C ARG B 370 3.21 5.18 21.93
N ALA B 371 4.36 5.78 21.59
CA ALA B 371 5.59 5.53 22.34
C ALA B 371 6.03 6.73 23.17
N HIS B 372 6.38 7.82 22.50
CA HIS B 372 7.15 8.94 23.06
C HIS B 372 6.34 10.16 23.48
N VAL B 373 5.04 10.05 23.67
CA VAL B 373 4.34 11.12 24.38
C VAL B 373 3.53 10.53 25.51
N ASN B 374 4.07 10.77 26.70
CA ASN B 374 3.34 10.62 27.92
C ASN B 374 3.00 12.07 28.21
N SER B 375 2.38 12.28 29.35
CA SER B 375 2.15 13.61 29.88
C SER B 375 3.25 14.64 29.45
N ARG B 376 4.54 14.31 29.61
CA ARG B 376 5.67 15.28 29.64
C ARG B 376 6.36 15.68 28.32
N TRP B 377 6.62 14.73 27.42
CA TRP B 377 7.42 15.00 26.19
C TRP B 377 6.73 16.05 25.29
N PHE B 378 5.40 16.05 25.34
CA PHE B 378 4.54 17.01 24.65
C PHE B 378 4.95 18.44 24.98
N LEU B 379 5.02 18.75 26.28
CA LEU B 379 5.51 20.06 26.78
C LEU B 379 6.93 20.41 26.35
N PHE B 380 7.85 19.49 26.62
CA PHE B 380 9.24 19.70 26.29
C PHE B 380 9.38 20.02 24.80
N GLN B 381 8.93 19.09 23.97
CA GLN B 381 9.06 19.25 22.52
C GLN B 381 8.52 20.61 22.05
N ARG B 382 7.29 20.94 22.43
CA ARG B 382 6.63 22.19 22.03
C ARG B 382 7.36 23.43 22.54
N LEU B 383 7.77 23.39 23.82
CA LEU B 383 8.48 24.53 24.41
C LEU B 383 9.86 24.74 23.76
N LEU B 384 10.61 23.65 23.62
CA LEU B 384 11.85 23.66 22.83
C LEU B 384 11.63 24.37 21.48
N ASP B 385 10.70 23.83 20.70
CA ASP B 385 10.37 24.35 19.38
C ASP B 385 10.04 25.85 19.49
N LYS B 386 9.26 26.23 20.51
CA LYS B 386 8.94 27.65 20.74
C LYS B 386 10.18 28.53 21.00
N PHE B 387 11.10 28.03 21.82
CA PHE B 387 12.39 28.68 22.09
C PHE B 387 13.14 29.07 20.79
N LEU B 388 13.28 28.10 19.89
CA LEU B 388 14.10 28.28 18.69
C LEU B 388 13.44 29.17 17.66
N HIS B 389 12.10 29.20 17.63
CA HIS B 389 11.38 30.17 16.78
C HIS B 389 11.66 31.59 17.26
N ALA B 390 11.50 31.79 18.57
CA ALA B 390 11.86 33.06 19.21
C ALA B 390 13.32 33.42 18.91
N LEU B 391 14.25 32.47 19.05
CA LEU B 391 15.64 32.72 18.66
C LEU B 391 15.77 33.15 17.20
N MET B 392 15.27 32.32 16.26
CA MET B 392 15.37 32.60 14.82
C MET B 392 14.02 32.53 14.07
N PRO B 393 13.14 33.55 14.21
CA PRO B 393 11.80 33.64 13.56
C PRO B 393 11.66 33.27 12.08
N SER B 394 12.73 33.37 11.29
CA SER B 394 12.65 32.96 9.88
C SER B 394 13.21 31.56 9.65
N THR B 395 14.42 31.27 10.14
CA THR B 395 15.08 29.98 9.83
C THR B 395 14.49 28.76 10.55
N PHE B 396 13.78 29.00 11.66
CA PHE B 396 13.06 27.96 12.36
C PHE B 396 11.58 28.38 12.58
N ILE B 397 10.65 27.73 11.88
CA ILE B 397 9.22 27.81 12.20
C ILE B 397 8.81 26.44 12.69
N PRO B 398 8.10 26.35 13.83
CA PRO B 398 7.72 25.02 14.34
C PRO B 398 6.71 24.28 13.43
N LEU B 399 6.59 22.97 13.61
CA LEU B 399 5.82 22.13 12.68
C LEU B 399 4.34 22.53 12.63
N TYR B 400 3.68 22.43 13.79
CA TYR B 400 2.26 22.78 13.91
C TYR B 400 1.90 24.16 13.33
N THR B 401 2.83 25.11 13.39
CA THR B 401 2.59 26.44 12.83
C THR B 401 2.54 26.38 11.31
N MET B 402 3.45 25.61 10.74
CA MET B 402 3.53 25.46 9.28
C MET B 402 2.30 24.78 8.69
N VAL B 403 1.80 23.74 9.36
CA VAL B 403 0.59 23.04 8.85
C VAL B 403 -0.66 23.79 9.24
N ALA B 404 -0.79 24.14 10.51
CA ALA B 404 -2.03 24.80 10.97
C ALA B 404 -2.21 26.19 10.37
N PHE B 405 -1.14 26.98 10.31
CA PHE B 405 -1.31 28.42 10.16
C PHE B 405 -0.74 29.02 8.90
N THR B 406 -0.36 28.18 7.96
CA THR B 406 0.18 28.66 6.69
C THR B 406 -0.34 27.77 5.56
N ARG B 407 -0.06 28.18 4.34
CA ARG B 407 -0.20 27.28 3.20
C ARG B 407 1.17 26.89 2.62
N ILE B 408 2.17 26.73 3.48
CA ILE B 408 3.45 26.19 3.06
C ILE B 408 3.04 24.84 2.56
N ARG B 409 3.39 24.45 1.34
CA ARG B 409 2.99 23.13 0.84
C ARG B 409 3.39 22.02 1.81
N TYR B 410 2.54 21.01 1.98
CA TYR B 410 2.78 19.98 2.98
C TYR B 410 4.18 19.34 2.82
N HIS B 411 4.53 18.95 1.59
CA HIS B 411 5.84 18.30 1.32
C HIS B 411 7.02 19.22 1.67
N GLU B 412 6.89 20.51 1.35
CA GLU B 412 7.88 21.50 1.78
C GLU B 412 7.92 21.63 3.29
N ALA B 413 6.77 21.72 3.95
CA ALA B 413 6.72 21.73 5.42
C ALA B 413 7.49 20.55 6.02
N VAL B 414 7.33 19.36 5.43
CA VAL B 414 8.08 18.17 5.87
C VAL B 414 9.57 18.28 5.55
N LEU B 415 9.89 18.85 4.39
CA LEU B 415 11.30 19.17 4.07
C LEU B 415 11.92 20.12 5.13
N ARG B 416 11.45 21.37 5.15
CA ARG B 416 11.79 22.39 6.18
C ARG B 416 11.89 21.76 7.56
N TRP B 417 10.88 20.97 7.92
CA TRP B 417 10.89 20.27 9.20
C TRP B 417 12.06 19.32 9.33
N HIS B 418 12.35 18.51 8.32
CA HIS B 418 13.49 17.57 8.47
C HIS B 418 14.82 18.34 8.52
N TRP B 419 15.03 19.19 7.52
CA TRP B 419 16.13 20.17 7.55
C TRP B 419 16.36 20.74 8.95
N GLN B 420 15.36 21.40 9.50
CA GLN B 420 15.42 21.92 10.88
C GLN B 420 15.97 20.89 11.85
N LYS B 421 15.37 19.71 11.85
CA LYS B 421 15.74 18.67 12.81
C LYS B 421 17.21 18.31 12.63
N LYS B 422 17.66 18.30 11.36
CA LYS B 422 19.08 18.05 11.05
C LYS B 422 19.98 19.20 11.57
N VAL B 423 19.74 20.45 11.14
CA VAL B 423 20.56 21.57 11.64
C VAL B 423 20.57 21.61 13.18
N ILE B 424 19.44 21.33 13.83
CA ILE B 424 19.45 21.22 15.32
C ILE B 424 20.30 20.04 15.82
N ASN B 425 20.10 18.85 15.25
CA ASN B 425 20.84 17.66 15.70
C ASN B 425 22.37 17.80 15.52
N ARG B 426 22.77 18.16 14.30
CA ARG B 426 24.17 18.53 13.95
C ARG B 426 24.70 19.71 14.81
N GLY B 427 24.04 20.88 14.76
CA GLY B 427 24.48 22.06 15.51
C GLY B 427 24.62 21.86 17.02
N LEU B 428 23.64 21.18 17.64
CA LEU B 428 23.71 20.92 19.10
C LEU B 428 24.55 19.66 19.47
N PHE B 429 24.70 18.71 18.54
CA PHE B 429 25.78 17.68 18.69
C PHE B 429 27.20 18.29 18.58
N VAL B 430 27.36 19.33 17.75
CA VAL B 430 28.61 20.18 17.72
C VAL B 430 28.83 20.87 19.08
N LEU B 431 27.91 21.74 19.52
CA LEU B 431 28.02 22.32 20.89
C LEU B 431 28.31 21.22 21.92
N GLY B 432 27.46 20.18 21.97
CA GLY B 432 27.64 19.06 22.91
C GLY B 432 28.98 18.33 22.90
N SER B 433 29.36 17.77 21.75
CA SER B 433 30.56 16.89 21.64
C SER B 433 31.92 17.65 21.61
N LEU B 434 31.99 18.73 20.84
CA LEU B 434 33.22 19.53 20.68
C LEU B 434 33.58 20.32 21.97
N VAL B 435 32.67 21.16 22.49
CA VAL B 435 32.95 21.94 23.72
C VAL B 435 32.99 21.03 24.99
N ALA B 436 32.33 19.86 24.95
CA ALA B 436 32.59 18.76 25.90
C ALA B 436 33.24 17.58 25.15
PA FAD C . -0.90 -17.56 -12.44
O1A FAD C . 0.17 -18.60 -12.71
O2A FAD C . -0.91 -16.26 -13.22
O5B FAD C . -2.32 -18.27 -12.57
C5B FAD C . -3.54 -17.57 -12.40
C4B FAD C . -4.58 -18.40 -13.15
O4B FAD C . -5.89 -18.02 -12.74
C3B FAD C . -4.53 -18.19 -14.67
O3B FAD C . -4.40 -19.48 -15.30
C2B FAD C . -5.82 -17.43 -15.01
O2B FAD C . -6.45 -17.79 -16.23
C1B FAD C . -6.73 -17.81 -13.88
N9A FAD C . -7.78 -16.79 -13.56
C8A FAD C . -7.65 -15.45 -13.44
N7A FAD C . -8.84 -14.91 -13.11
C5A FAD C . -9.74 -15.90 -13.03
C6A FAD C . -11.16 -16.03 -12.73
N6A FAD C . -11.89 -14.94 -12.46
N1A FAD C . -11.74 -17.23 -12.73
C2A FAD C . -11.03 -18.34 -13.00
N3A FAD C . -9.72 -18.31 -13.28
C4A FAD C . -9.04 -17.13 -13.31
N1 FAD C . 8.61 -17.23 -10.50
C2 FAD C . 9.65 -18.05 -10.24
O2 FAD C . 9.48 -18.90 -9.30
N3 FAD C . 10.81 -17.99 -10.94
C4 FAD C . 11.00 -17.11 -11.92
O4 FAD C . 12.06 -17.09 -12.59
C4X FAD C . 9.90 -16.19 -12.26
N5 FAD C . 10.01 -15.27 -13.24
C5X FAD C . 9.01 -14.43 -13.50
C6 FAD C . 9.19 -13.49 -14.50
C7 FAD C . 8.19 -12.59 -14.80
C7M FAD C . 8.41 -11.59 -15.91
C8 FAD C . 6.91 -12.64 -14.06
C8M FAD C . 5.79 -11.69 -14.38
C9 FAD C . 6.73 -13.56 -13.05
C9A FAD C . 7.74 -14.48 -12.74
N10 FAD C . 7.61 -15.46 -11.72
C10 FAD C . 8.68 -16.31 -11.46
C1' FAD C . 6.39 -15.60 -10.89
C2' FAD C . 5.31 -16.50 -11.52
O2' FAD C . 5.03 -16.11 -12.87
C3' FAD C . 4.04 -16.41 -10.69
O3' FAD C . 4.41 -16.26 -9.33
C4' FAD C . 3.15 -17.64 -10.78
O4' FAD C . 2.60 -17.73 -12.09
C5' FAD C . 2.02 -17.58 -9.76
O5' FAD C . 1.11 -18.63 -10.01
P FAD C . -0.43 -18.38 -9.78
O1P FAD C . -1.26 -19.61 -10.18
O2P FAD C . -0.60 -17.75 -8.41
O3P FAD C . -0.75 -17.23 -10.86
C5 EGO D . 23.69 -7.23 -5.52
C4 EGO D . 24.17 -8.48 -5.87
C6 EGO D . 22.42 -6.84 -5.93
C23 EGO D . 15.84 -11.96 -11.95
C3 EGO D . 23.38 -9.33 -6.63
C7 EGO D . 21.63 -7.70 -6.69
C1 EGO D . 18.08 -12.39 -8.85
C2 EGO D . 18.88 -11.52 -8.14
C24 EGO D . 15.93 -10.68 -12.47
C27 EGO D . 18.22 -12.03 -11.69
C16 EGO D . 19.81 -14.06 -8.92
C18 EGO D . 16.64 -16.13 -10.64
C28 EGO D . 16.98 -12.63 -11.56
C15 EGO D . 20.61 -13.21 -8.19
C8 EGO D . 22.10 -8.95 -7.05
C30 EGO D . 16.22 -15.08 -11.50
C17 EGO D . 18.55 -13.63 -9.25
C11 EGO D . 20.16 -11.94 -7.80
C26 EGO D . 18.31 -10.75 -12.18
C25 EGO D . 17.18 -10.08 -12.58
C29 EGO D . 16.93 -13.98 -11.07
C14 EGO D . 21.96 -13.70 -7.85
C31 EGO D . 15.23 -15.21 -12.58
C9 EGO D . 21.26 -9.89 -7.86
N19 EGO D . 17.57 -15.73 -9.77
N20 EGO D . 17.72 -14.42 -10.03
O12 EGO D . 22.46 -13.57 -6.75
O13 EGO D . 22.52 -14.34 -8.90
O10 EGO D . 20.93 -11.05 -7.07
F21 EGO D . 19.52 -10.18 -12.29
CL1 EGO D . 17.32 -8.47 -13.23
S SO4 E . 25.58 -17.91 -3.49
O1 SO4 E . 25.76 -16.44 -3.61
O2 SO4 E . 26.66 -18.54 -2.69
O3 SO4 E . 24.28 -18.18 -2.82
O4 SO4 E . 25.60 -18.52 -4.83
CL CL F . 9.25 -13.70 -9.44
PA FAD G . -17.19 12.67 3.95
O1A FAD G . -17.38 13.92 4.78
O2A FAD G . -17.14 11.30 4.59
O5B FAD G . -18.19 12.64 2.71
C5B FAD G . -18.51 11.46 1.99
C4B FAD G . -19.97 11.65 1.58
O4B FAD G . -20.32 10.95 0.37
C3B FAD G . -20.94 11.15 2.63
O3B FAD G . -21.93 12.17 2.82
C2B FAD G . -21.55 9.90 2.06
O2B FAD G . -22.87 9.74 2.58
C1B FAD G . -21.48 10.17 0.55
N9A FAD G . -21.29 8.96 -0.28
C8A FAD G . -20.43 7.97 -0.06
N7A FAD G . -20.52 7.04 -1.01
C5A FAD G . -21.46 7.44 -1.87
C6A FAD G . -22.04 6.91 -3.11
N6A FAD G . -21.59 5.71 -3.59
N1A FAD G . -22.99 7.64 -3.73
C2A FAD G . -23.40 8.81 -3.24
N3A FAD G . -22.90 9.35 -2.11
C4A FAD G . -21.94 8.72 -1.40
N1 FAD G . -10.36 16.87 9.82
C2 FAD G . -9.93 18.07 10.24
O2 FAD G . -9.65 18.91 9.37
N3 FAD G . -9.80 18.41 11.53
C4 FAD G . -10.10 17.55 12.52
O4 FAD G . -9.98 17.87 13.74
C4X FAD G . -10.57 16.21 12.13
N5 FAD G . -10.88 15.32 13.05
C5X FAD G . -11.31 14.11 12.74
C6 FAD G . -11.58 13.23 13.77
C7 FAD G . -12.01 11.95 13.52
C7M FAD G . -12.32 11.02 14.66
C8 FAD G . -12.17 11.53 12.11
C8M FAD G . -12.65 10.16 11.74
C9 FAD G . -11.90 12.42 11.10
C9A FAD G . -11.47 13.72 11.35
N10 FAD G . -11.16 14.65 10.34
C10 FAD G . -10.70 15.92 10.71
C1' FAD G . -11.29 14.37 8.89
C2' FAD G . -12.70 14.69 8.36
O2' FAD G . -13.72 14.00 9.11
C3' FAD G . -12.72 14.30 6.88
O3' FAD G . -11.60 14.92 6.29
C4' FAD G . -13.88 14.77 6.02
O4' FAD G . -15.16 14.34 6.47
C5' FAD G . -13.70 14.25 4.61
O5' FAD G . -14.66 14.93 3.83
P FAD G . -15.30 14.24 2.55
O1P FAD G . -16.50 15.03 2.01
O2P FAD G . -14.17 13.84 1.59
O3P FAD G . -15.79 12.87 3.23
C5 EGO H . 5.08 15.97 19.92
C4 EGO H . 4.33 17.05 20.34
C6 EGO H . 4.53 14.94 19.17
C23 EGO H . -5.73 14.86 17.09
C3 EGO H . 2.99 17.11 20.00
C7 EGO H . 3.19 15.00 18.83
C1 EGO H . -2.44 16.79 16.72
C2 EGO H . -1.11 16.54 16.99
C24 EGO H . -5.54 13.64 17.68
C27 EGO H . -4.54 15.98 18.84
C16 EGO H . -2.33 18.91 17.87
C18 EGO H . -6.03 19.17 16.15
C28 EGO H . -5.24 16.02 17.65
C15 EGO H . -0.99 18.66 18.13
C8 EGO H . 2.44 16.08 19.26
C30 EGO H . -6.52 17.91 16.60
C17 EGO H . -3.03 17.96 17.16
C11 EGO H . -0.40 17.49 17.69
C26 EGO H . -4.36 14.76 19.42
C25 EGO H . -4.84 13.62 18.86
C29 EGO H . -5.40 17.29 17.05
C14 EGO H . -0.22 19.68 18.89
C31 EGO H . -7.90 17.40 16.58
C9 EGO H . 1.00 16.15 18.89
N19 EGO H . -4.71 19.34 16.32
N20 EGO H . -4.36 18.17 16.87
O12 EGO H . 0.97 19.92 18.74
O13 EGO H . -1.07 20.30 19.75
O10 EGO H . 0.93 17.20 17.91
F21 EGO H . -3.69 14.68 20.56
CL1 EGO H . -4.55 12.18 19.69
S SO4 I . 3.55 25.99 17.92
O1 SO4 I . 4.36 27.23 18.11
O2 SO4 I . 4.08 24.83 18.71
O3 SO4 I . 2.17 26.37 18.29
O4 SO4 I . 3.62 25.67 16.49
CL CL J . -7.85 14.17 10.30
#